data_6LCC
#
_entry.id   6LCC
#
_cell.length_a   70.160
_cell.length_b   115.509
_cell.length_c   149.674
_cell.angle_alpha   90.000
_cell.angle_beta   90.000
_cell.angle_gamma   90.000
#
_symmetry.space_group_name_H-M   'P 21 21 21'
#
loop_
_entity.id
_entity.type
_entity.pdbx_description
1 polymer AaTPS
2 water water
#
_entity_poly.entity_id   1
_entity_poly.type   'polypeptide(L)'
_entity_poly.pdbx_seq_one_letter_code
;MGSSHHHHHHSSGLVPRSHMSPDLTYTEVNQNLAARENASWFSPVRFAYDWLEDAPIEHLTAVPLKIRTDSPLASPKPSN
VKEQSITENNENSFSISPQLTGLPWPTSFTKVRQNRHWRQSLRISTQLLELFAADDTSAQAVRRNGVSLARIASHELQTD
EEDRFTKFATYIFPEANEERMKLLAATIVYIIIFDDSWEMHSEDTLGLVRDDFIRRLRGDIEGMAEHQTPLQQLINSTVQ
GFKDQDKTMGNGGQEVLDRLIDFCEHVPPQTKFATMGDYLSYRLIDVAFPYLLACIKFSLGSSVNVEDPKLAPILRLVSD
HVSLVNDLASYDKEKRAYDNGSACYLINAVDVAQRLFSLPSAAEAKALTYSMQLLVEAQIKTELDSLVAGGILSCEELRF
LDAALLMASGNVFYSVVSSRYGGKAAKLEK
;
_entity_poly.pdbx_strand_id   A,B
#
# COMPACT_ATOMS: atom_id res chain seq x y z
N LEU A 24 -3.06 38.51 13.66
CA LEU A 24 -2.97 37.30 12.84
C LEU A 24 -2.20 36.22 13.55
N THR A 25 -2.92 35.39 14.31
CA THR A 25 -2.33 34.44 15.24
C THR A 25 -2.66 33.01 14.82
N TYR A 26 -1.67 32.12 14.93
CA TYR A 26 -1.89 30.70 14.65
C TYR A 26 -3.09 30.18 15.43
N THR A 27 -3.24 30.62 16.68
CA THR A 27 -4.26 30.04 17.54
C THR A 27 -5.67 30.45 17.11
N GLU A 28 -5.84 31.70 16.68
CA GLU A 28 -7.17 32.17 16.34
C GLU A 28 -7.61 31.67 14.97
N VAL A 29 -6.70 31.65 13.99
CA VAL A 29 -7.04 31.14 12.67
C VAL A 29 -7.54 29.70 12.78
N ASN A 30 -6.75 28.83 13.39
CA ASN A 30 -7.17 27.44 13.51
C ASN A 30 -8.33 27.25 14.47
N GLN A 31 -8.77 28.31 15.14
CA GLN A 31 -9.95 28.26 15.98
C GLN A 31 -11.22 28.50 15.17
N ASN A 32 -11.23 29.53 14.33
CA ASN A 32 -12.43 29.95 13.63
C ASN A 32 -12.60 29.28 12.27
N LEU A 33 -11.66 28.44 11.86
CA LEU A 33 -11.68 27.92 10.49
C LEU A 33 -12.79 26.89 10.31
N ALA A 34 -12.78 25.83 11.11
CA ALA A 34 -13.77 24.77 11.04
C ALA A 34 -14.63 24.75 12.30
N ALA A 35 -15.81 24.14 12.16
CA ALA A 35 -16.68 23.91 13.31
C ALA A 35 -15.93 23.17 14.40
N ARG A 36 -16.27 23.51 15.66
CA ARG A 36 -15.71 22.82 16.82
C ARG A 36 -15.88 21.31 16.71
N GLU A 37 -16.98 20.86 16.10
CA GLU A 37 -17.29 19.44 15.98
C GLU A 37 -16.25 18.66 15.17
N ASN A 38 -15.53 19.32 14.27
CA ASN A 38 -14.67 18.62 13.31
C ASN A 38 -13.19 18.73 13.63
N ALA A 39 -12.82 19.24 14.81
CA ALA A 39 -11.43 19.52 15.12
C ALA A 39 -10.55 18.27 15.03
N SER A 40 -11.13 17.07 15.15
CA SER A 40 -10.35 15.85 15.02
C SER A 40 -9.73 15.74 13.63
N TRP A 41 -10.54 15.87 12.59
CA TRP A 41 -10.07 15.76 11.21
C TRP A 41 -9.44 17.04 10.68
N PHE A 42 -9.51 18.14 11.45
CA PHE A 42 -9.05 19.43 10.97
C PHE A 42 -7.55 19.40 10.67
N SER A 43 -7.14 20.12 9.64
CA SER A 43 -5.73 20.17 9.25
C SER A 43 -5.19 21.54 9.60
N PRO A 44 -4.27 21.64 10.55
CA PRO A 44 -3.85 22.95 11.04
C PRO A 44 -3.27 23.81 9.94
N VAL A 45 -3.52 25.11 10.04
CA VAL A 45 -3.09 26.10 9.06
C VAL A 45 -1.88 26.84 9.63
N ARG A 46 -0.80 26.89 8.86
CA ARG A 46 0.48 27.35 9.37
C ARG A 46 1.03 28.59 8.67
N PHE A 47 0.44 29.00 7.56
CA PHE A 47 0.85 30.22 6.87
C PHE A 47 -0.39 31.00 6.49
N ALA A 48 -0.17 32.29 6.16
CA ALA A 48 -1.22 33.22 5.74
C ALA A 48 -0.57 34.17 4.72
N TYR A 49 -0.48 33.71 3.48
CA TYR A 49 0.15 34.45 2.40
C TYR A 49 -0.82 35.42 1.73
N ASP A 50 -0.42 36.68 1.64
CA ASP A 50 -1.17 37.73 0.93
C ASP A 50 -0.36 38.13 -0.31
N TRP A 51 -0.70 37.54 -1.46
CA TRP A 51 0.02 37.89 -2.69
C TRP A 51 -0.40 39.24 -3.26
N LEU A 52 -1.39 39.91 -2.65
CA LEU A 52 -1.78 41.25 -3.03
C LEU A 52 -1.30 42.32 -2.04
N GLU A 53 -0.34 41.97 -1.18
CA GLU A 53 0.05 42.82 -0.06
C GLU A 53 0.45 44.21 -0.54
N ASP A 54 1.18 44.30 -1.64
CA ASP A 54 1.70 45.56 -2.12
C ASP A 54 1.07 45.94 -3.44
N ALA A 55 -0.22 45.64 -3.59
CA ALA A 55 -0.91 45.87 -4.84
C ALA A 55 -1.99 46.92 -4.64
N PRO A 56 -2.09 47.91 -5.50
CA PRO A 56 -3.12 48.94 -5.32
C PRO A 56 -4.52 48.42 -5.63
N ILE A 57 -5.22 47.92 -4.61
CA ILE A 57 -6.50 47.25 -4.81
C ILE A 57 -7.63 47.89 -4.01
N GLU A 58 -7.47 49.17 -3.64
CA GLU A 58 -8.54 49.86 -2.92
C GLU A 58 -9.79 49.99 -3.77
N HIS A 59 -9.65 50.03 -5.09
CA HIS A 59 -10.86 50.07 -5.91
C HIS A 59 -11.52 48.71 -6.11
N LEU A 60 -10.87 47.61 -5.72
CA LEU A 60 -11.44 46.27 -5.90
C LEU A 60 -11.97 45.73 -4.58
N THR A 61 -13.20 45.25 -4.60
CA THR A 61 -13.85 44.65 -3.44
C THR A 61 -14.29 43.23 -3.77
N ALA A 62 -14.06 42.31 -2.85
CA ALA A 62 -14.44 40.92 -3.02
C ALA A 62 -15.70 40.56 -2.24
N VAL A 63 -16.49 41.54 -1.84
CA VAL A 63 -17.77 41.29 -1.18
C VAL A 63 -18.93 41.69 -2.10
N ASN A 90 -21.83 15.40 3.81
CA ASN A 90 -21.01 15.75 4.98
C ASN A 90 -20.10 14.60 5.39
N GLU A 91 -20.24 13.47 4.69
CA GLU A 91 -19.53 12.27 5.09
C GLU A 91 -18.03 12.39 4.84
N ASN A 92 -17.62 13.06 3.76
CA ASN A 92 -16.22 13.07 3.35
C ASN A 92 -15.54 14.41 3.50
N SER A 93 -16.28 15.49 3.76
CA SER A 93 -15.67 16.80 3.92
C SER A 93 -16.50 17.63 4.90
N PHE A 94 -15.94 18.79 5.25
CA PHE A 94 -16.62 19.75 6.10
C PHE A 94 -16.17 21.14 5.68
N SER A 95 -16.91 22.14 6.14
CA SER A 95 -16.71 23.52 5.72
C SER A 95 -15.53 24.17 6.41
N ILE A 96 -14.75 24.88 5.62
CA ILE A 96 -13.72 25.80 6.06
C ILE A 96 -14.29 27.20 5.88
N SER A 97 -14.04 28.09 6.84
CA SER A 97 -14.66 29.42 6.83
C SER A 97 -13.61 30.51 6.94
N PRO A 98 -12.88 30.78 5.83
CA PRO A 98 -11.79 31.76 5.90
C PRO A 98 -12.25 33.19 6.17
N GLN A 99 -13.44 33.58 5.71
CA GLN A 99 -14.01 34.88 6.06
C GLN A 99 -13.94 35.15 7.56
N LEU A 100 -14.25 34.13 8.37
CA LEU A 100 -14.38 34.28 9.83
C LEU A 100 -13.03 34.32 10.54
N THR A 101 -11.92 34.26 9.81
CA THR A 101 -10.60 34.51 10.35
C THR A 101 -10.10 35.82 9.75
N GLY A 102 -8.85 36.16 10.04
CA GLY A 102 -8.24 37.30 9.41
C GLY A 102 -7.31 36.83 8.32
N LEU A 103 -7.55 35.62 7.83
CA LEU A 103 -6.77 35.10 6.72
C LEU A 103 -7.02 35.96 5.49
N PRO A 104 -6.00 36.26 4.70
CA PRO A 104 -6.23 36.88 3.40
C PRO A 104 -7.13 35.97 2.56
N TRP A 105 -8.22 36.54 2.07
CA TRP A 105 -9.22 35.80 1.30
C TRP A 105 -9.51 36.61 0.05
N PRO A 106 -8.61 36.57 -0.92
CA PRO A 106 -8.74 37.42 -2.14
C PRO A 106 -9.60 36.77 -3.21
N THR A 107 -10.88 36.61 -2.90
CA THR A 107 -11.84 35.94 -3.76
C THR A 107 -13.22 36.23 -3.18
N SER A 108 -14.22 36.21 -4.04
CA SER A 108 -15.60 36.35 -3.62
C SER A 108 -16.30 35.00 -3.41
N PHE A 109 -15.64 33.88 -3.70
CA PHE A 109 -16.18 32.60 -3.33
C PHE A 109 -16.23 32.50 -1.81
N THR A 110 -17.26 31.82 -1.29
CA THR A 110 -17.41 31.68 0.14
C THR A 110 -17.52 30.23 0.60
N LYS A 111 -17.70 29.27 -0.30
CA LYS A 111 -17.78 27.86 0.05
C LYS A 111 -16.39 27.25 -0.16
N VAL A 112 -15.72 26.88 0.93
CA VAL A 112 -14.47 26.15 0.91
C VAL A 112 -14.69 24.89 1.72
N ARG A 113 -14.03 23.81 1.32
CA ARG A 113 -14.18 22.56 2.04
C ARG A 113 -12.84 21.86 2.17
N GLN A 114 -12.73 21.05 3.20
CA GLN A 114 -11.55 20.27 3.48
C GLN A 114 -11.95 18.81 3.58
N ASN A 115 -11.13 17.95 2.95
CA ASN A 115 -11.32 16.51 3.01
C ASN A 115 -11.10 16.00 4.43
N ARG A 116 -11.87 14.98 4.81
CA ARG A 116 -11.74 14.41 6.15
C ARG A 116 -10.61 13.40 6.23
N HIS A 117 -10.45 12.58 5.20
CA HIS A 117 -9.52 11.46 5.19
C HIS A 117 -8.15 11.82 4.69
N TRP A 118 -7.73 13.08 4.83
CA TRP A 118 -6.43 13.48 4.29
C TRP A 118 -5.28 12.75 4.98
N ARG A 119 -5.41 12.45 6.28
CA ARG A 119 -4.33 11.77 7.01
C ARG A 119 -4.07 10.38 6.43
N GLN A 120 -5.14 9.64 6.16
CA GLN A 120 -5.05 8.29 5.62
C GLN A 120 -4.59 8.26 4.17
N SER A 121 -4.55 9.42 3.51
CA SER A 121 -4.23 9.49 2.09
C SER A 121 -2.75 9.70 1.80
N LEU A 122 -1.93 9.98 2.80
CA LEU A 122 -0.54 10.32 2.53
C LEU A 122 0.33 9.12 2.23
N ARG A 123 -0.19 7.90 2.36
CA ARG A 123 0.67 6.72 2.35
C ARG A 123 1.11 6.32 0.95
N ILE A 124 0.15 6.10 0.03
CA ILE A 124 0.51 5.65 -1.31
C ILE A 124 1.39 6.68 -1.99
N SER A 125 1.22 7.95 -1.63
CA SER A 125 1.98 8.99 -2.29
C SER A 125 3.39 9.13 -1.73
N THR A 126 3.56 8.84 -0.43
CA THR A 126 4.92 8.66 0.08
C THR A 126 5.57 7.40 -0.49
N GLN A 127 4.80 6.32 -0.58
CA GLN A 127 5.29 5.11 -1.22
C GLN A 127 5.86 5.39 -2.61
N LEU A 128 5.10 6.08 -3.45
CA LEU A 128 5.59 6.41 -4.78
C LEU A 128 6.80 7.34 -4.70
N LEU A 129 6.77 8.30 -3.79
CA LEU A 129 7.91 9.21 -3.68
C LEU A 129 9.16 8.44 -3.28
N GLU A 130 9.01 7.47 -2.38
CA GLU A 130 10.13 6.61 -1.99
C GLU A 130 10.62 5.81 -3.19
N LEU A 131 9.73 5.01 -3.78
CA LEU A 131 10.14 4.12 -4.86
C LEU A 131 10.77 4.90 -6.02
N PHE A 132 10.26 6.10 -6.31
CA PHE A 132 10.89 6.93 -7.33
C PHE A 132 12.29 7.37 -6.91
N ALA A 133 12.46 7.66 -5.61
CA ALA A 133 13.77 8.14 -5.15
C ALA A 133 14.84 7.05 -5.23
N ALA A 134 14.43 5.78 -5.16
CA ALA A 134 15.35 4.66 -5.09
C ALA A 134 15.54 3.94 -6.43
N ASP A 135 14.63 4.12 -7.37
CA ASP A 135 14.67 3.36 -8.62
C ASP A 135 15.92 3.74 -9.43
N ASP A 136 16.57 2.74 -10.03
CA ASP A 136 17.82 3.00 -10.73
C ASP A 136 17.57 3.78 -12.02
N THR A 137 16.59 3.34 -12.82
CA THR A 137 16.30 4.07 -14.05
C THR A 137 15.86 5.49 -13.75
N SER A 138 15.11 5.66 -12.67
CA SER A 138 14.66 7.00 -12.31
C SER A 138 15.82 7.91 -11.97
N ALA A 139 16.97 7.35 -11.61
CA ALA A 139 18.15 8.18 -11.35
C ALA A 139 18.84 8.60 -12.64
N GLN A 140 18.73 7.78 -13.70
CA GLN A 140 19.29 8.09 -15.01
C GLN A 140 18.33 8.84 -15.93
N ALA A 141 17.03 8.91 -15.57
CA ALA A 141 16.01 9.59 -16.37
C ALA A 141 15.99 11.07 -16.01
N VAL A 142 16.65 11.90 -16.82
CA VAL A 142 16.87 13.29 -16.49
C VAL A 142 16.09 14.17 -17.46
N ARG A 143 15.67 15.34 -16.95
CA ARG A 143 14.95 16.33 -17.74
C ARG A 143 15.92 17.11 -18.63
N ARG A 144 15.38 18.10 -19.35
CA ARG A 144 16.24 18.99 -20.13
C ARG A 144 17.23 19.72 -19.23
N ASN A 145 16.79 20.16 -18.06
CA ASN A 145 17.69 20.85 -17.15
C ASN A 145 18.64 19.92 -16.40
N GLY A 146 18.75 18.67 -16.84
CA GLY A 146 19.65 17.71 -16.23
C GLY A 146 19.17 17.08 -14.94
N VAL A 147 18.08 17.55 -14.35
CA VAL A 147 17.60 17.01 -13.08
C VAL A 147 16.90 15.67 -13.33
N SER A 148 17.18 14.70 -12.47
CA SER A 148 16.65 13.35 -12.64
C SER A 148 15.34 13.20 -11.88
N LEU A 149 14.60 12.15 -12.25
CA LEU A 149 13.35 11.85 -11.57
C LEU A 149 13.61 11.45 -10.13
N ALA A 150 14.64 10.64 -9.89
CA ALA A 150 15.03 10.31 -8.52
C ALA A 150 15.26 11.57 -7.69
N ARG A 151 15.91 12.58 -8.29
CA ARG A 151 16.19 13.83 -7.58
C ARG A 151 14.90 14.59 -7.24
N ILE A 152 13.94 14.62 -8.18
CA ILE A 152 12.67 15.30 -7.93
C ILE A 152 11.95 14.68 -6.74
N ALA A 153 11.85 13.34 -6.72
CA ALA A 153 11.15 12.66 -5.62
C ALA A 153 11.85 12.89 -4.29
N SER A 154 13.18 12.82 -4.28
CA SER A 154 13.92 13.08 -3.04
C SER A 154 13.72 14.50 -2.54
N HIS A 155 13.76 15.48 -3.43
CA HIS A 155 13.54 16.87 -3.04
C HIS A 155 12.14 17.07 -2.43
N GLU A 156 11.12 16.33 -2.91
CA GLU A 156 9.79 16.47 -2.32
C GLU A 156 9.64 15.63 -1.07
N LEU A 157 10.40 14.53 -0.96
CA LEU A 157 10.44 13.77 0.28
C LEU A 157 11.08 14.57 1.43
N GLN A 158 11.92 15.56 1.10
CA GLN A 158 12.52 16.39 2.14
C GLN A 158 11.47 17.27 2.83
N THR A 159 10.41 17.63 2.13
CA THR A 159 9.34 18.42 2.74
C THR A 159 8.55 17.56 3.73
N ASP A 160 7.95 18.22 4.71
CA ASP A 160 7.16 17.51 5.72
C ASP A 160 5.92 16.88 5.08
N GLU A 161 5.55 15.72 5.62
CA GLU A 161 4.55 14.87 4.97
C GLU A 161 3.26 15.62 4.67
N GLU A 162 2.78 16.43 5.62
CA GLU A 162 1.48 17.07 5.51
C GLU A 162 1.52 18.40 4.77
N ASP A 163 2.70 18.83 4.29
CA ASP A 163 2.85 20.10 3.58
C ASP A 163 3.53 19.90 2.22
N ARG A 164 3.39 18.71 1.65
CA ARG A 164 3.87 18.46 0.29
C ARG A 164 2.78 18.82 -0.72
N PHE A 165 3.18 18.83 -1.99
CA PHE A 165 2.26 19.20 -3.06
C PHE A 165 0.99 18.34 -3.08
N THR A 166 0.98 17.22 -2.36
CA THR A 166 -0.24 16.43 -2.29
C THR A 166 -1.32 17.10 -1.44
N LYS A 167 -0.92 17.98 -0.52
CA LYS A 167 -1.89 18.67 0.34
C LYS A 167 -2.95 19.41 -0.47
N PHE A 168 -2.63 19.81 -1.70
CA PHE A 168 -3.62 20.36 -2.64
C PHE A 168 -4.93 19.58 -2.61
N ALA A 169 -4.84 18.24 -2.65
CA ALA A 169 -6.03 17.42 -2.81
C ALA A 169 -6.97 17.56 -1.64
N THR A 170 -6.45 17.92 -0.46
CA THR A 170 -7.31 18.07 0.70
C THR A 170 -8.32 19.19 0.50
N TYR A 171 -7.98 20.18 -0.34
CA TYR A 171 -8.84 21.34 -0.53
C TYR A 171 -9.47 21.44 -1.92
N ILE A 172 -8.89 20.82 -2.95
CA ILE A 172 -9.46 20.92 -4.29
C ILE A 172 -10.21 19.64 -4.72
N PHE A 173 -9.94 18.52 -4.09
CA PHE A 173 -10.77 17.34 -4.28
C PHE A 173 -11.43 16.92 -2.96
N PRO A 174 -12.12 17.84 -2.26
CA PRO A 174 -12.51 17.54 -0.88
C PRO A 174 -13.60 16.48 -0.74
N GLU A 175 -14.25 16.11 -1.82
CA GLU A 175 -15.38 15.21 -1.70
C GLU A 175 -14.99 13.74 -1.85
N ALA A 176 -13.71 13.45 -2.13
CA ALA A 176 -13.29 12.07 -2.32
C ALA A 176 -13.42 11.29 -1.02
N ASN A 177 -13.93 10.06 -1.11
CA ASN A 177 -13.90 9.21 0.08
C ASN A 177 -12.48 8.71 0.30
N GLU A 178 -12.30 7.83 1.28
CA GLU A 178 -10.93 7.51 1.71
C GLU A 178 -10.15 6.79 0.62
N GLU A 179 -10.77 5.80 -0.04
CA GLU A 179 -10.05 5.05 -1.06
C GLU A 179 -9.83 5.88 -2.32
N ARG A 180 -10.83 6.69 -2.71
CA ARG A 180 -10.66 7.56 -3.87
C ARG A 180 -9.61 8.64 -3.61
N MET A 181 -9.54 9.17 -2.38
CA MET A 181 -8.53 10.17 -2.08
C MET A 181 -7.13 9.58 -2.16
N LYS A 182 -6.97 8.31 -1.79
CA LYS A 182 -5.66 7.66 -1.84
C LYS A 182 -5.11 7.64 -3.26
N LEU A 183 -5.97 7.33 -4.24
CA LEU A 183 -5.54 7.25 -5.63
C LEU A 183 -5.26 8.62 -6.22
N LEU A 184 -6.10 9.62 -5.89
CA LEU A 184 -5.87 10.99 -6.39
C LEU A 184 -4.56 11.57 -5.86
N ALA A 185 -4.27 11.35 -4.57
CA ALA A 185 -2.99 11.79 -4.03
C ALA A 185 -1.82 11.12 -4.73
N ALA A 186 -1.98 9.85 -5.13
CA ALA A 186 -0.95 9.16 -5.90
C ALA A 186 -0.78 9.77 -7.29
N THR A 187 -1.88 10.16 -7.95
CA THR A 187 -1.74 10.80 -9.24
C THR A 187 -1.12 12.19 -9.13
N ILE A 188 -1.25 12.85 -7.99
CA ILE A 188 -0.57 14.12 -7.87
C ILE A 188 0.94 13.91 -7.87
N VAL A 189 1.42 12.80 -7.32
CA VAL A 189 2.85 12.51 -7.42
C VAL A 189 3.25 12.28 -8.88
N TYR A 190 2.43 11.53 -9.62
CA TYR A 190 2.69 11.35 -11.05
C TYR A 190 2.80 12.70 -11.77
N ILE A 191 1.89 13.65 -11.46
CA ILE A 191 1.96 14.99 -12.05
C ILE A 191 3.28 15.67 -11.70
N ILE A 192 3.73 15.56 -10.45
CA ILE A 192 5.01 16.17 -10.06
C ILE A 192 6.17 15.51 -10.81
N ILE A 193 6.22 14.18 -10.79
CA ILE A 193 7.33 13.45 -11.38
C ILE A 193 7.41 13.70 -12.89
N PHE A 194 6.30 13.54 -13.59
CA PHE A 194 6.34 13.51 -15.05
C PHE A 194 6.10 14.88 -15.70
N ASP A 195 6.00 15.93 -14.90
CA ASP A 195 6.04 17.29 -15.43
C ASP A 195 7.26 17.50 -16.31
N ASP A 196 7.04 18.05 -17.51
CA ASP A 196 8.06 18.37 -18.50
C ASP A 196 8.71 17.13 -19.09
N SER A 197 8.15 15.96 -18.86
CA SER A 197 8.70 14.75 -19.43
C SER A 197 8.44 14.65 -20.94
N TRP A 198 7.51 15.46 -21.46
CA TRP A 198 7.23 15.50 -22.88
C TRP A 198 8.38 16.11 -23.68
N GLU A 199 9.23 16.93 -23.02
CA GLU A 199 10.36 17.56 -23.70
C GLU A 199 11.33 16.54 -24.26
N MET A 200 11.61 15.47 -23.50
CA MET A 200 12.62 14.51 -23.88
C MET A 200 12.19 13.66 -25.08
N HIS A 201 13.19 13.15 -25.81
CA HIS A 201 12.93 12.19 -26.88
C HIS A 201 12.44 10.87 -26.30
N SER A 202 11.69 10.11 -27.10
CA SER A 202 11.22 8.83 -26.61
C SER A 202 12.36 7.89 -26.24
N GLU A 203 13.55 8.10 -26.81
CA GLU A 203 14.68 7.20 -26.64
C GLU A 203 15.67 7.68 -25.60
N ASP A 204 15.50 8.90 -25.10
CA ASP A 204 16.16 9.32 -23.89
C ASP A 204 15.65 8.47 -22.72
N THR A 205 16.44 8.44 -21.64
CA THR A 205 16.07 7.60 -20.50
C THR A 205 14.72 8.03 -19.92
N LEU A 206 14.53 9.35 -19.75
CA LEU A 206 13.25 9.84 -19.25
C LEU A 206 12.11 9.52 -20.21
N GLY A 207 12.37 9.59 -21.51
CA GLY A 207 11.34 9.22 -22.47
C GLY A 207 10.89 7.79 -22.31
N LEU A 208 11.82 6.88 -21.96
CA LEU A 208 11.44 5.48 -21.82
C LEU A 208 10.64 5.25 -20.54
N VAL A 209 11.04 5.87 -19.43
CA VAL A 209 10.28 5.75 -18.19
C VAL A 209 8.90 6.35 -18.38
N ARG A 210 8.84 7.51 -19.05
CA ARG A 210 7.57 8.17 -19.33
C ARG A 210 6.67 7.33 -20.22
N ASP A 211 7.21 6.79 -21.31
CA ASP A 211 6.40 5.95 -22.19
C ASP A 211 6.07 4.59 -21.54
N ASP A 212 6.95 4.09 -20.67
CA ASP A 212 6.60 2.91 -19.89
C ASP A 212 5.44 3.21 -18.96
N PHE A 213 5.51 4.37 -18.29
CA PHE A 213 4.43 4.81 -17.42
C PHE A 213 3.13 4.94 -18.20
N ILE A 214 3.19 5.51 -19.41
CA ILE A 214 2.00 5.66 -20.23
C ILE A 214 1.39 4.30 -20.52
N ARG A 215 2.21 3.33 -20.90
CA ARG A 215 1.68 2.01 -21.27
C ARG A 215 1.00 1.32 -20.09
N ARG A 216 1.54 1.46 -18.88
CA ARG A 216 0.84 0.91 -17.71
C ARG A 216 -0.50 1.60 -17.50
N LEU A 217 -0.56 2.89 -17.78
CA LEU A 217 -1.82 3.58 -17.59
C LEU A 217 -2.85 3.14 -18.62
N ARG A 218 -2.40 2.73 -19.81
CA ARG A 218 -3.28 2.22 -20.85
C ARG A 218 -3.75 0.79 -20.56
N GLY A 219 -2.85 -0.06 -20.05
CA GLY A 219 -3.04 -1.50 -20.10
C GLY A 219 -2.30 -2.10 -21.29
N ASP A 220 -1.27 -2.90 -21.05
CA ASP A 220 -0.50 -3.53 -22.13
C ASP A 220 -0.14 -5.00 -21.81
N GLU A 226 7.41 -10.30 -18.08
CA GLU A 226 8.76 -9.77 -17.84
C GLU A 226 8.95 -9.41 -16.37
N HIS A 227 10.08 -8.80 -16.05
CA HIS A 227 10.38 -8.41 -14.68
C HIS A 227 9.85 -7.01 -14.38
N GLN A 228 9.08 -6.90 -13.30
CA GLN A 228 8.49 -5.65 -12.87
C GLN A 228 9.24 -5.14 -11.65
N THR A 229 9.87 -3.96 -11.78
CA THR A 229 10.51 -3.33 -10.64
C THR A 229 9.47 -3.00 -9.58
N PRO A 230 9.88 -2.74 -8.33
CA PRO A 230 8.88 -2.40 -7.30
C PRO A 230 8.12 -1.11 -7.61
N LEU A 231 8.76 -0.16 -8.30
CA LEU A 231 8.06 1.07 -8.65
C LEU A 231 6.96 0.79 -9.68
N GLN A 232 7.27 -0.03 -10.68
CA GLN A 232 6.26 -0.41 -11.65
C GLN A 232 5.13 -1.19 -11.00
N GLN A 233 5.46 -2.01 -10.00
CA GLN A 233 4.44 -2.78 -9.32
C GLN A 233 3.41 -1.87 -8.66
N LEU A 234 3.90 -0.85 -7.94
CA LEU A 234 2.99 0.11 -7.31
C LEU A 234 2.18 0.86 -8.36
N ILE A 235 2.82 1.25 -9.47
CA ILE A 235 2.14 1.92 -10.56
C ILE A 235 1.04 1.03 -11.13
N ASN A 236 1.30 -0.27 -11.24
CA ASN A 236 0.25 -1.18 -11.70
C ASN A 236 -0.91 -1.23 -10.72
N SER A 237 -0.62 -1.12 -9.43
CA SER A 237 -1.66 -1.20 -8.41
C SER A 237 -2.57 0.02 -8.45
N THR A 238 -1.96 1.21 -8.54
CA THR A 238 -2.76 2.43 -8.66
C THR A 238 -3.66 2.33 -9.88
N VAL A 239 -3.13 1.84 -10.99
CA VAL A 239 -3.96 1.67 -12.19
C VAL A 239 -5.11 0.71 -11.89
N GLN A 240 -4.79 -0.43 -11.27
CA GLN A 240 -5.85 -1.37 -10.89
C GLN A 240 -6.83 -0.72 -9.90
N GLY A 241 -6.31 0.11 -8.98
CA GLY A 241 -7.18 0.79 -8.04
C GLY A 241 -8.26 1.62 -8.71
N PHE A 242 -7.88 2.41 -9.73
CA PHE A 242 -8.85 3.22 -10.47
C PHE A 242 -9.86 2.35 -11.19
N LYS A 243 -9.41 1.25 -11.80
CA LYS A 243 -10.35 0.33 -12.45
C LYS A 243 -11.34 -0.26 -11.46
N ASP A 244 -10.87 -0.57 -10.24
CA ASP A 244 -11.74 -1.09 -9.20
C ASP A 244 -12.82 -0.09 -8.81
N GLN A 245 -12.46 1.19 -8.73
CA GLN A 245 -13.45 2.20 -8.35
C GLN A 245 -14.49 2.38 -9.43
N ASP A 246 -14.10 2.29 -10.70
CA ASP A 246 -15.06 2.38 -11.79
C ASP A 246 -16.08 1.24 -11.74
N LYS A 247 -15.63 0.02 -11.38
CA LYS A 247 -16.58 -1.09 -11.26
C LYS A 247 -17.55 -0.84 -10.11
N THR A 248 -17.10 -0.19 -9.05
CA THR A 248 -17.98 0.21 -7.95
C THR A 248 -18.99 1.27 -8.41
N MET A 249 -18.49 2.44 -8.86
CA MET A 249 -19.36 3.55 -9.20
C MET A 249 -18.62 4.57 -10.06
N GLY A 250 -19.28 5.00 -11.13
CA GLY A 250 -18.72 6.05 -11.96
C GLY A 250 -17.69 5.50 -12.93
N ASN A 251 -17.42 6.31 -13.95
CA ASN A 251 -16.44 5.99 -14.99
C ASN A 251 -15.34 7.02 -15.08
N GLY A 252 -15.08 7.76 -13.98
CA GLY A 252 -14.06 8.78 -14.02
C GLY A 252 -12.64 8.30 -13.78
N GLY A 253 -12.48 7.09 -13.21
CA GLY A 253 -11.14 6.59 -12.92
C GLY A 253 -10.28 6.42 -14.15
N GLN A 254 -10.79 5.68 -15.16
CA GLN A 254 -10.03 5.53 -16.39
C GLN A 254 -9.80 6.88 -17.07
N GLU A 255 -10.75 7.80 -16.94
CA GLU A 255 -10.54 9.14 -17.50
C GLU A 255 -9.37 9.84 -16.81
N VAL A 256 -9.19 9.65 -15.50
CA VAL A 256 -8.05 10.26 -14.82
C VAL A 256 -6.74 9.77 -15.41
N LEU A 257 -6.66 8.46 -15.66
CA LEU A 257 -5.48 7.90 -16.30
C LEU A 257 -5.31 8.45 -17.72
N ASP A 258 -6.40 8.47 -18.49
CA ASP A 258 -6.35 8.98 -19.86
C ASP A 258 -5.81 10.40 -19.92
N ARG A 259 -6.21 11.26 -18.97
CA ARG A 259 -5.72 12.63 -18.94
C ARG A 259 -4.30 12.72 -18.43
N LEU A 260 -3.89 11.78 -17.56
CA LEU A 260 -2.47 11.67 -17.24
C LEU A 260 -1.66 11.30 -18.47
N ILE A 261 -2.16 10.36 -19.28
CA ILE A 261 -1.48 10.09 -20.55
C ILE A 261 -1.39 11.35 -21.38
N ASP A 262 -2.54 12.03 -21.58
CA ASP A 262 -2.55 13.28 -22.35
C ASP A 262 -1.58 14.28 -21.76
N PHE A 263 -1.46 14.32 -20.43
CA PHE A 263 -0.56 15.27 -19.80
C PHE A 263 0.88 14.94 -20.08
N CYS A 264 1.21 13.66 -20.25
CA CYS A 264 2.57 13.27 -20.52
C CYS A 264 2.94 13.42 -22.00
N GLU A 265 1.95 13.55 -22.88
CA GLU A 265 2.20 13.68 -24.32
C GLU A 265 1.96 15.07 -24.89
N HIS A 266 1.03 15.83 -24.31
CA HIS A 266 0.65 17.11 -24.89
C HIS A 266 1.80 18.09 -24.70
N VAL A 267 2.41 18.52 -25.81
CA VAL A 267 3.44 19.55 -25.77
C VAL A 267 2.81 20.93 -25.73
N PRO A 268 3.15 21.77 -24.75
CA PRO A 268 2.50 23.08 -24.59
C PRO A 268 2.70 24.00 -25.79
N PRO A 269 1.82 24.99 -25.90
CA PRO A 269 1.80 25.97 -27.02
C PRO A 269 2.69 27.19 -26.78
N GLN A 270 4.00 27.07 -27.03
CA GLN A 270 4.96 28.18 -27.14
C GLN A 270 4.85 29.27 -26.06
N THR A 271 5.13 30.57 -26.40
CA THR A 271 5.11 31.66 -25.41
C THR A 271 4.86 33.03 -26.08
N LYS A 272 4.16 33.06 -27.23
CA LYS A 272 3.72 34.33 -27.82
C LYS A 272 2.28 34.53 -27.37
N PHE A 273 2.08 35.50 -26.49
CA PHE A 273 0.76 35.76 -25.93
C PHE A 273 0.38 37.16 -26.40
N ALA A 274 -0.26 37.21 -27.56
CA ALA A 274 -0.79 38.46 -28.08
C ALA A 274 -2.06 38.90 -27.34
N THR A 275 -2.69 38.00 -26.59
CA THR A 275 -3.89 38.29 -25.83
C THR A 275 -3.84 37.49 -24.55
N MET A 276 -4.65 37.87 -23.57
CA MET A 276 -4.73 37.05 -22.38
C MET A 276 -5.48 35.75 -22.64
N GLY A 277 -6.46 35.77 -23.53
CA GLY A 277 -7.06 34.52 -23.99
C GLY A 277 -6.04 33.55 -24.51
N ASP A 278 -5.04 34.03 -25.26
CA ASP A 278 -4.01 33.11 -25.75
C ASP A 278 -3.20 32.54 -24.60
N TYR A 279 -2.89 33.38 -23.61
CA TYR A 279 -2.14 32.88 -22.47
C TYR A 279 -2.96 31.88 -21.67
N LEU A 280 -4.25 32.14 -21.49
CA LEU A 280 -5.04 31.23 -20.67
C LEU A 280 -5.36 29.93 -21.41
N SER A 281 -5.28 29.91 -22.73
CA SER A 281 -5.43 28.65 -23.47
C SER A 281 -4.21 27.77 -23.25
N TYR A 282 -3.03 28.38 -23.23
CA TYR A 282 -1.82 27.64 -22.90
C TYR A 282 -1.84 27.21 -21.44
N ARG A 283 -2.34 28.07 -20.56
CA ARG A 283 -2.29 27.79 -19.14
C ARG A 283 -3.28 26.70 -18.75
N LEU A 284 -4.39 26.57 -19.48
CA LEU A 284 -5.30 25.47 -19.22
C LEU A 284 -4.58 24.13 -19.42
N ILE A 285 -3.78 24.02 -20.49
CA ILE A 285 -2.97 22.84 -20.72
C ILE A 285 -1.88 22.72 -19.66
N ASP A 286 -1.21 23.83 -19.38
CA ASP A 286 -0.06 23.83 -18.48
C ASP A 286 -0.46 23.46 -17.06
N VAL A 287 -1.61 23.94 -16.59
CA VAL A 287 -2.06 23.61 -15.23
C VAL A 287 -2.67 22.23 -15.15
N ALA A 288 -2.66 21.48 -16.25
CA ALA A 288 -3.24 20.13 -16.35
C ALA A 288 -4.73 20.15 -16.02
N PHE A 289 -5.44 21.10 -16.62
CA PHE A 289 -6.84 21.31 -16.27
C PHE A 289 -7.74 20.15 -16.67
N PRO A 290 -7.57 19.51 -17.82
CA PRO A 290 -8.46 18.36 -18.11
C PRO A 290 -8.29 17.25 -17.08
N TYR A 291 -7.05 17.05 -16.61
CA TYR A 291 -6.76 16.09 -15.55
C TYR A 291 -7.51 16.45 -14.27
N LEU A 292 -7.44 17.73 -13.88
CA LEU A 292 -8.13 18.20 -12.68
C LEU A 292 -9.65 17.97 -12.75
N LEU A 293 -10.27 18.16 -13.91
CA LEU A 293 -11.70 17.86 -14.01
C LEU A 293 -11.98 16.36 -13.89
N ALA A 294 -11.14 15.53 -14.52
CA ALA A 294 -11.25 14.10 -14.33
C ALA A 294 -11.19 13.74 -12.85
N CYS A 295 -10.28 14.38 -12.10
CA CYS A 295 -10.15 14.08 -10.68
C CYS A 295 -11.38 14.53 -9.90
N ILE A 296 -11.97 15.67 -10.26
CA ILE A 296 -13.20 16.10 -9.60
C ILE A 296 -14.31 15.08 -9.84
N LYS A 297 -14.49 14.68 -11.10
CA LYS A 297 -15.51 13.70 -11.43
C LYS A 297 -15.26 12.39 -10.68
N PHE A 298 -14.00 11.95 -10.63
CA PHE A 298 -13.68 10.72 -9.93
C PHE A 298 -13.86 10.85 -8.42
N SER A 299 -13.59 12.03 -7.86
CA SER A 299 -13.80 12.23 -6.42
C SER A 299 -15.27 12.08 -6.03
N LEU A 300 -16.20 12.21 -6.98
CA LEU A 300 -17.62 12.11 -6.69
C LEU A 300 -18.21 10.73 -7.02
N GLY A 301 -17.43 9.82 -7.59
CA GLY A 301 -18.02 8.63 -8.16
C GLY A 301 -18.98 8.94 -9.28
N SER A 302 -18.75 10.06 -9.98
CA SER A 302 -19.66 10.61 -10.97
C SER A 302 -19.47 9.94 -12.32
N SER A 303 -20.51 10.07 -13.15
CA SER A 303 -20.46 9.61 -14.54
C SER A 303 -20.75 10.76 -15.51
N VAL A 304 -20.76 12.00 -15.01
CA VAL A 304 -21.01 13.18 -15.84
C VAL A 304 -20.05 13.24 -17.03
N ASN A 305 -20.58 13.64 -18.19
CA ASN A 305 -19.73 13.91 -19.34
C ASN A 305 -19.13 15.30 -19.19
N VAL A 306 -17.90 15.35 -18.72
CA VAL A 306 -17.14 16.58 -18.54
C VAL A 306 -17.00 17.41 -19.82
N GLU A 307 -17.14 16.80 -20.99
CA GLU A 307 -16.99 17.49 -22.26
C GLU A 307 -18.32 17.88 -22.88
N ASP A 308 -19.42 17.78 -22.14
CA ASP A 308 -20.70 18.23 -22.66
C ASP A 308 -20.62 19.71 -23.04
N PRO A 309 -21.00 20.10 -24.26
CA PRO A 309 -20.90 21.52 -24.63
C PRO A 309 -21.72 22.43 -23.75
N LYS A 310 -22.75 21.91 -23.11
CA LYS A 310 -23.52 22.72 -22.18
C LYS A 310 -22.66 23.16 -20.99
N LEU A 311 -21.68 22.36 -20.59
CA LEU A 311 -20.83 22.74 -19.47
C LEU A 311 -19.57 23.46 -19.91
N ALA A 312 -19.30 23.54 -21.20
CA ALA A 312 -18.03 24.11 -21.65
C ALA A 312 -17.81 25.54 -21.20
N PRO A 313 -18.78 26.48 -21.29
CA PRO A 313 -18.47 27.86 -20.90
C PRO A 313 -18.16 28.01 -19.41
N ILE A 314 -18.96 27.42 -18.51
CA ILE A 314 -18.63 27.58 -17.09
C ILE A 314 -17.32 26.90 -16.75
N LEU A 315 -16.98 25.82 -17.44
CA LEU A 315 -15.74 25.11 -17.11
C LEU A 315 -14.52 25.81 -17.66
N ARG A 316 -14.62 26.49 -18.81
CA ARG A 316 -13.49 27.29 -19.25
C ARG A 316 -13.28 28.49 -18.32
N LEU A 317 -14.37 29.12 -17.85
CA LEU A 317 -14.27 30.10 -16.79
C LEU A 317 -13.53 29.54 -15.56
N VAL A 318 -13.96 28.38 -15.06
CA VAL A 318 -13.29 27.79 -13.91
C VAL A 318 -11.80 27.60 -14.19
N SER A 319 -11.47 27.14 -15.38
CA SER A 319 -10.06 27.02 -15.76
C SER A 319 -9.35 28.38 -15.72
N ASP A 320 -10.02 29.42 -16.24
CA ASP A 320 -9.43 30.75 -16.18
C ASP A 320 -9.19 31.18 -14.75
N HIS A 321 -10.14 30.87 -13.85
CA HIS A 321 -9.98 31.21 -12.43
C HIS A 321 -8.78 30.50 -11.83
N VAL A 322 -8.68 29.19 -12.04
CA VAL A 322 -7.59 28.42 -11.45
C VAL A 322 -6.25 28.93 -11.97
N SER A 323 -6.18 29.25 -13.25
CA SER A 323 -4.94 29.80 -13.82
C SER A 323 -4.60 31.16 -13.21
N LEU A 324 -5.59 32.04 -13.10
CA LEU A 324 -5.33 33.38 -12.62
C LEU A 324 -4.90 33.36 -11.16
N VAL A 325 -5.65 32.66 -10.32
CA VAL A 325 -5.28 32.52 -8.92
C VAL A 325 -3.87 31.94 -8.79
N ASN A 326 -3.58 30.87 -9.52
CA ASN A 326 -2.29 30.20 -9.34
C ASN A 326 -1.14 31.08 -9.80
N ASP A 327 -1.35 31.87 -10.88
CA ASP A 327 -0.32 32.79 -11.32
C ASP A 327 -0.17 33.97 -10.37
N LEU A 328 -1.27 34.45 -9.81
CA LEU A 328 -1.16 35.48 -8.78
C LEU A 328 -0.37 34.97 -7.59
N ALA A 329 -0.68 33.74 -7.15
CA ALA A 329 -0.03 33.19 -5.97
C ALA A 329 1.46 32.98 -6.23
N SER A 330 1.81 32.48 -7.41
CA SER A 330 3.15 32.02 -7.70
C SER A 330 4.03 33.08 -8.34
N TYR A 331 3.54 34.30 -8.54
CA TYR A 331 4.33 35.31 -9.25
C TYR A 331 5.62 35.63 -8.51
N ASP A 332 5.51 35.97 -7.22
CA ASP A 332 6.70 36.34 -6.45
C ASP A 332 7.78 35.27 -6.56
N LYS A 333 7.40 34.02 -6.31
CA LYS A 333 8.33 32.91 -6.43
C LYS A 333 8.90 32.81 -7.85
N GLU A 334 8.03 32.85 -8.86
CA GLU A 334 8.49 32.75 -10.24
C GLU A 334 9.26 33.99 -10.71
N LYS A 335 9.05 35.15 -10.05
CA LYS A 335 9.84 36.33 -10.40
C LYS A 335 11.21 36.27 -9.77
N ARG A 336 11.32 35.75 -8.54
CA ARG A 336 12.63 35.53 -7.94
C ARG A 336 13.43 34.50 -8.72
N ALA A 337 12.79 33.38 -9.07
CA ALA A 337 13.47 32.34 -9.84
C ALA A 337 13.97 32.84 -11.20
N TYR A 338 13.43 33.94 -11.70
CA TYR A 338 13.92 34.51 -12.95
C TYR A 338 14.96 35.60 -12.71
N ASP A 339 14.82 36.33 -11.61
CA ASP A 339 15.71 37.46 -11.33
C ASP A 339 17.07 36.98 -10.86
N ASN A 340 17.14 35.85 -10.15
CA ASN A 340 18.42 35.29 -9.78
C ASN A 340 18.93 34.28 -10.79
N GLY A 341 18.18 34.04 -11.86
CA GLY A 341 18.60 33.15 -12.92
C GLY A 341 18.14 31.71 -12.77
N SER A 342 17.68 31.31 -11.59
CA SER A 342 17.28 29.92 -11.36
C SER A 342 16.33 29.42 -12.45
N ALA A 343 15.21 30.11 -12.65
CA ALA A 343 14.29 29.78 -13.73
C ALA A 343 14.69 30.53 -14.99
N CYS A 344 14.49 29.88 -16.13
CA CYS A 344 14.95 30.47 -17.38
C CYS A 344 14.09 31.67 -17.76
N TYR A 345 12.77 31.50 -17.80
CA TYR A 345 11.83 32.53 -18.21
C TYR A 345 10.95 32.94 -17.04
N LEU A 346 10.09 33.92 -17.31
CA LEU A 346 8.97 34.26 -16.44
C LEU A 346 7.71 34.16 -17.30
N ILE A 347 6.87 33.17 -17.00
CA ILE A 347 5.65 32.90 -17.76
C ILE A 347 4.50 32.91 -16.75
N ASN A 348 3.67 33.95 -16.80
CA ASN A 348 2.74 34.24 -15.72
C ASN A 348 1.74 35.31 -16.17
N ALA A 349 0.47 35.14 -15.80
CA ALA A 349 -0.58 36.06 -16.25
C ALA A 349 -0.33 37.49 -15.78
N VAL A 350 0.25 37.66 -14.59
CA VAL A 350 0.63 38.98 -14.07
C VAL A 350 1.60 39.66 -15.01
N ASP A 351 2.59 38.92 -15.50
CA ASP A 351 3.56 39.48 -16.42
C ASP A 351 2.91 39.80 -17.77
N VAL A 352 2.12 38.87 -18.29
CA VAL A 352 1.42 39.10 -19.55
C VAL A 352 0.55 40.35 -19.45
N ALA A 353 -0.10 40.54 -18.31
CA ALA A 353 -0.96 41.71 -18.12
C ALA A 353 -0.16 43.00 -18.05
N GLN A 354 0.98 42.96 -17.34
CA GLN A 354 1.86 44.12 -17.27
C GLN A 354 2.31 44.59 -18.66
N ARG A 355 2.64 43.65 -19.53
CA ARG A 355 3.03 44.00 -20.89
C ARG A 355 1.82 44.50 -21.67
N LEU A 356 0.72 43.73 -21.66
CA LEU A 356 -0.39 44.02 -22.55
C LEU A 356 -1.09 45.31 -22.17
N PHE A 357 -1.13 45.63 -20.89
CA PHE A 357 -1.76 46.88 -20.47
C PHE A 357 -0.75 47.91 -19.99
N SER A 358 0.55 47.66 -20.24
CA SER A 358 1.59 48.68 -20.18
C SER A 358 1.63 49.38 -18.84
N LEU A 359 1.64 48.61 -17.83
CA LEU A 359 1.62 49.13 -16.47
C LEU A 359 3.04 49.32 -15.95
N PRO A 360 3.24 50.25 -15.01
CA PRO A 360 4.61 50.52 -14.54
C PRO A 360 5.29 49.34 -13.85
N SER A 361 4.59 48.61 -12.99
CA SER A 361 5.24 47.55 -12.22
C SER A 361 4.34 46.32 -12.08
N ALA A 362 4.88 45.27 -11.46
CA ALA A 362 4.10 44.07 -11.17
C ALA A 362 2.96 44.36 -10.22
N ALA A 363 3.11 45.36 -9.35
CA ALA A 363 2.04 45.65 -8.38
C ALA A 363 0.77 46.12 -9.07
N GLU A 364 0.90 47.01 -10.05
CA GLU A 364 -0.28 47.39 -10.82
C GLU A 364 -0.81 46.20 -11.60
N ALA A 365 0.09 45.41 -12.18
CA ALA A 365 -0.30 44.22 -12.91
C ALA A 365 -1.09 43.26 -12.03
N LYS A 366 -0.63 43.05 -10.79
CA LYS A 366 -1.33 42.16 -9.88
C LYS A 366 -2.74 42.67 -9.62
N ALA A 367 -2.88 43.99 -9.53
CA ALA A 367 -4.19 44.59 -9.32
C ALA A 367 -5.10 44.42 -10.54
N LEU A 368 -4.56 44.63 -11.75
CA LEU A 368 -5.38 44.41 -12.92
C LEU A 368 -5.72 42.91 -13.05
N THR A 369 -4.76 42.04 -12.76
CA THR A 369 -5.01 40.62 -12.85
C THR A 369 -6.06 40.18 -11.85
N TYR A 370 -5.92 40.60 -10.60
CA TYR A 370 -6.96 40.35 -9.60
C TYR A 370 -8.32 40.88 -10.05
N SER A 371 -8.34 42.09 -10.61
CA SER A 371 -9.56 42.61 -11.21
C SER A 371 -10.18 41.60 -12.16
N MET A 372 -9.38 41.05 -13.07
CA MET A 372 -9.99 40.22 -14.08
C MET A 372 -10.41 38.89 -13.47
N GLN A 373 -9.70 38.45 -12.42
CA GLN A 373 -10.13 37.30 -11.65
C GLN A 373 -11.49 37.53 -10.99
N LEU A 374 -11.74 38.75 -10.46
CA LEU A 374 -13.04 39.02 -9.84
C LEU A 374 -14.15 39.10 -10.87
N LEU A 375 -13.81 39.46 -12.10
CA LEU A 375 -14.80 39.46 -13.17
C LEU A 375 -15.13 38.03 -13.59
N VAL A 376 -14.12 37.16 -13.66
CA VAL A 376 -14.32 35.75 -13.96
C VAL A 376 -15.25 35.12 -12.94
N GLU A 377 -15.09 35.47 -11.65
CA GLU A 377 -15.96 34.94 -10.61
C GLU A 377 -17.40 35.41 -10.80
N ALA A 378 -17.60 36.72 -11.08
CA ALA A 378 -18.95 37.18 -11.36
C ALA A 378 -19.54 36.42 -12.55
N GLN A 379 -18.76 36.23 -13.62
CA GLN A 379 -19.24 35.48 -14.78
C GLN A 379 -19.62 34.04 -14.42
N ILE A 380 -18.84 33.40 -13.54
CA ILE A 380 -19.12 32.02 -13.15
C ILE A 380 -20.45 31.93 -12.43
N LYS A 381 -20.68 32.82 -11.46
CA LYS A 381 -21.95 32.80 -10.73
C LYS A 381 -23.11 33.11 -11.66
N THR A 382 -22.92 34.04 -12.58
CA THR A 382 -23.98 34.33 -13.54
C THR A 382 -24.28 33.12 -14.40
N GLU A 383 -23.23 32.45 -14.90
CA GLU A 383 -23.41 31.28 -15.76
C GLU A 383 -24.01 30.10 -15.00
N LEU A 384 -23.64 29.90 -13.74
CA LEU A 384 -24.24 28.81 -12.97
C LEU A 384 -25.68 29.11 -12.64
N ASP A 385 -25.98 30.34 -12.21
CA ASP A 385 -27.37 30.72 -11.96
C ASP A 385 -28.22 30.48 -13.20
N SER A 386 -27.71 30.90 -14.35
CA SER A 386 -28.41 30.71 -15.61
C SER A 386 -28.68 29.22 -15.88
N LEU A 387 -27.66 28.38 -15.67
CA LEU A 387 -27.85 26.95 -15.89
C LEU A 387 -28.91 26.38 -14.94
N VAL A 388 -28.90 26.80 -13.66
CA VAL A 388 -29.91 26.33 -12.72
C VAL A 388 -31.28 26.87 -13.10
N ALA A 389 -31.35 28.08 -13.64
CA ALA A 389 -32.65 28.68 -13.93
C ALA A 389 -33.26 28.05 -15.18
N GLY A 390 -32.44 27.74 -16.18
CA GLY A 390 -32.89 27.07 -17.40
C GLY A 390 -33.35 25.63 -17.20
N GLY A 391 -33.13 25.06 -16.02
CA GLY A 391 -33.52 23.69 -15.74
C GLY A 391 -32.87 22.66 -16.63
N ILE A 392 -31.61 22.87 -17.03
CA ILE A 392 -30.95 21.98 -17.97
C ILE A 392 -29.78 21.25 -17.30
N LEU A 393 -29.86 21.03 -15.99
CA LEU A 393 -28.80 20.35 -15.26
C LEU A 393 -29.40 19.24 -14.41
N SER A 394 -28.82 18.04 -14.49
CA SER A 394 -29.21 17.00 -13.55
C SER A 394 -28.64 17.31 -12.17
N CYS A 395 -29.14 16.57 -11.17
CA CYS A 395 -28.49 16.55 -9.87
C CYS A 395 -27.00 16.22 -9.99
N GLU A 396 -26.65 15.20 -10.79
CA GLU A 396 -25.26 14.81 -10.93
C GLU A 396 -24.41 15.92 -11.57
N GLU A 397 -24.95 16.61 -12.57
CA GLU A 397 -24.19 17.72 -13.16
C GLU A 397 -24.06 18.88 -12.18
N LEU A 398 -25.13 19.18 -11.42
CA LEU A 398 -25.02 20.26 -10.44
C LEU A 398 -23.99 19.89 -9.38
N ARG A 399 -24.01 18.62 -8.95
CA ARG A 399 -23.02 18.12 -7.99
C ARG A 399 -21.60 18.30 -8.54
N PHE A 400 -21.41 17.98 -9.82
CA PHE A 400 -20.09 18.13 -10.43
C PHE A 400 -19.66 19.58 -10.48
N LEU A 401 -20.57 20.46 -10.91
CA LEU A 401 -20.22 21.87 -10.99
C LEU A 401 -19.95 22.46 -9.62
N ASP A 402 -20.68 22.02 -8.60
CA ASP A 402 -20.42 22.52 -7.26
C ASP A 402 -19.02 22.13 -6.81
N ALA A 403 -18.59 20.91 -7.15
CA ALA A 403 -17.26 20.45 -6.79
C ALA A 403 -16.18 21.14 -7.63
N ALA A 404 -16.49 21.47 -8.88
CA ALA A 404 -15.62 22.33 -9.67
C ALA A 404 -15.38 23.66 -8.95
N LEU A 405 -16.44 24.25 -8.40
CA LEU A 405 -16.29 25.48 -7.63
C LEU A 405 -15.51 25.24 -6.34
N LEU A 406 -15.68 24.08 -5.72
CA LEU A 406 -14.88 23.79 -4.54
C LEU A 406 -13.41 23.72 -4.90
N MET A 407 -13.09 23.23 -6.10
CA MET A 407 -11.71 23.27 -6.55
C MET A 407 -11.24 24.71 -6.67
N ALA A 408 -12.06 25.59 -7.26
CA ALA A 408 -11.66 26.98 -7.45
C ALA A 408 -11.45 27.70 -6.12
N SER A 409 -12.41 27.58 -5.18
CA SER A 409 -12.20 28.22 -3.88
C SER A 409 -11.08 27.53 -3.10
N GLY A 410 -10.99 26.19 -3.23
CA GLY A 410 -9.97 25.46 -2.49
C GLY A 410 -8.59 25.73 -3.01
N ASN A 411 -8.47 26.07 -4.28
CA ASN A 411 -7.19 26.51 -4.83
C ASN A 411 -6.75 27.82 -4.19
N VAL A 412 -7.68 28.72 -3.91
CA VAL A 412 -7.32 29.94 -3.22
C VAL A 412 -6.85 29.61 -1.81
N PHE A 413 -7.62 28.78 -1.09
CA PHE A 413 -7.29 28.53 0.32
C PHE A 413 -5.93 27.86 0.45
N TYR A 414 -5.70 26.78 -0.30
CA TYR A 414 -4.41 26.11 -0.25
C TYR A 414 -3.28 27.07 -0.58
N SER A 415 -3.52 28.06 -1.44
CA SER A 415 -2.45 28.96 -1.83
C SER A 415 -2.19 30.03 -0.79
N VAL A 416 -3.14 30.30 0.09
CA VAL A 416 -2.93 31.22 1.18
C VAL A 416 -2.22 30.53 2.36
N VAL A 417 -2.63 29.31 2.69
CA VAL A 417 -2.21 28.64 3.93
C VAL A 417 -1.05 27.67 3.74
N SER A 418 -0.62 27.45 2.51
CA SER A 418 0.53 26.58 2.25
C SER A 418 1.83 27.36 2.43
N SER A 419 2.92 26.61 2.60
CA SER A 419 4.26 27.17 2.62
C SER A 419 4.78 27.53 1.23
N ARG A 420 4.10 27.06 0.19
CA ARG A 420 4.67 26.94 -1.15
C ARG A 420 4.93 28.27 -1.83
N TYR A 421 4.08 29.27 -1.59
CA TYR A 421 4.13 30.51 -2.34
C TYR A 421 4.47 31.72 -1.50
N GLY A 422 4.11 31.73 -0.22
CA GLY A 422 4.48 32.81 0.68
C GLY A 422 5.79 32.58 1.41
N GLY A 423 6.35 31.38 1.30
CA GLY A 423 7.57 31.08 2.00
C GLY A 423 7.40 31.15 3.51
N LYS A 424 8.49 31.54 4.16
CA LYS A 424 8.58 31.55 5.62
C LYS A 424 8.10 32.87 6.21
N ALA A 425 8.12 33.95 5.43
CA ALA A 425 7.60 35.23 5.91
C ALA A 425 6.15 35.11 6.37
N ALA A 426 5.34 34.35 5.65
CA ALA A 426 3.92 34.30 5.97
C ALA A 426 3.58 33.34 7.10
N LYS A 427 4.58 32.78 7.81
CA LYS A 427 4.30 31.91 8.94
C LYS A 427 3.47 32.62 10.01
N LEU A 428 2.54 31.88 10.62
CA LEU A 428 1.70 32.40 11.69
C LEU A 428 2.31 32.09 13.06
N GLU A 429 1.95 32.92 14.06
CA GLU A 429 2.42 32.73 15.44
C GLU A 429 1.25 32.61 16.43
N LEU B 24 30.35 -19.40 15.86
CA LEU B 24 29.74 -20.70 15.57
C LEU B 24 29.74 -21.00 14.07
N THR B 25 29.90 -22.28 13.74
CA THR B 25 30.31 -22.73 12.42
C THR B 25 29.24 -23.62 11.79
N TYR B 26 29.14 -23.53 10.46
CA TYR B 26 28.30 -24.45 9.71
C TYR B 26 28.55 -25.90 10.10
N THR B 27 29.81 -26.24 10.39
CA THR B 27 30.16 -27.62 10.74
C THR B 27 29.71 -27.98 12.14
N GLU B 28 29.97 -27.10 13.11
CA GLU B 28 29.68 -27.45 14.49
C GLU B 28 28.19 -27.45 14.74
N VAL B 29 27.47 -26.52 14.12
CA VAL B 29 26.02 -26.51 14.22
C VAL B 29 25.45 -27.79 13.64
N ASN B 30 25.76 -28.07 12.37
CA ASN B 30 25.15 -29.19 11.68
C ASN B 30 25.59 -30.54 12.22
N GLN B 31 26.71 -30.60 12.95
CA GLN B 31 27.12 -31.87 13.53
C GLN B 31 26.30 -32.21 14.76
N ASN B 32 25.92 -31.21 15.56
CA ASN B 32 25.29 -31.43 16.86
C ASN B 32 23.78 -31.35 16.86
N LEU B 33 23.15 -31.07 15.70
CA LEU B 33 21.71 -30.85 15.71
C LEU B 33 20.95 -32.16 15.91
N ALA B 34 21.46 -33.24 15.34
CA ALA B 34 20.77 -34.51 15.37
C ALA B 34 21.76 -35.61 15.70
N ALA B 35 21.22 -36.74 16.15
CA ALA B 35 22.04 -37.94 16.35
C ALA B 35 22.66 -38.38 15.02
N ARG B 36 23.77 -39.12 15.11
CA ARG B 36 24.43 -39.57 13.89
C ARG B 36 23.62 -40.62 13.15
N GLU B 37 22.76 -41.36 13.87
CA GLU B 37 21.89 -42.37 13.29
C GLU B 37 20.95 -41.81 12.23
N ASN B 38 20.76 -40.49 12.22
CA ASN B 38 19.77 -39.85 11.36
C ASN B 38 20.41 -39.03 10.25
N ALA B 39 21.74 -39.15 10.09
CA ALA B 39 22.46 -38.31 9.12
C ALA B 39 21.96 -38.52 7.69
N SER B 40 21.50 -39.73 7.35
CA SER B 40 20.97 -39.97 6.01
C SER B 40 19.73 -39.12 5.73
N TRP B 41 18.95 -38.82 6.77
CA TRP B 41 17.75 -37.99 6.66
C TRP B 41 17.94 -36.55 7.09
N PHE B 42 19.10 -36.20 7.66
CA PHE B 42 19.29 -34.88 8.25
C PHE B 42 19.24 -33.78 7.21
N SER B 43 18.54 -32.69 7.53
CA SER B 43 18.38 -31.55 6.63
C SER B 43 19.31 -30.42 7.07
N PRO B 44 20.40 -30.17 6.36
CA PRO B 44 21.44 -29.30 6.91
C PRO B 44 20.99 -27.86 7.02
N VAL B 45 21.69 -27.14 7.89
CA VAL B 45 21.28 -25.84 8.38
C VAL B 45 22.30 -24.79 7.91
N ARG B 46 21.81 -23.73 7.25
CA ARG B 46 22.67 -22.77 6.59
C ARG B 46 22.69 -21.37 7.19
N PHE B 47 21.71 -21.00 8.01
CA PHE B 47 21.67 -19.70 8.63
C PHE B 47 21.41 -19.82 10.12
N ALA B 48 21.64 -18.71 10.84
CA ALA B 48 21.44 -18.60 12.29
C ALA B 48 21.03 -17.17 12.60
N TYR B 49 19.77 -16.85 12.28
CA TYR B 49 19.23 -15.51 12.51
C TYR B 49 18.86 -15.34 13.98
N ASP B 50 19.26 -14.21 14.56
CA ASP B 50 18.92 -13.82 15.93
C ASP B 50 18.12 -12.52 15.90
N TRP B 51 16.80 -12.64 15.99
CA TRP B 51 15.96 -11.46 15.80
C TRP B 51 15.82 -10.62 17.05
N LEU B 52 16.54 -10.97 18.12
CA LEU B 52 16.62 -10.20 19.36
C LEU B 52 18.02 -9.63 19.60
N GLU B 53 18.85 -9.61 18.55
CA GLU B 53 20.27 -9.34 18.71
C GLU B 53 20.52 -8.01 19.41
N ASP B 54 19.74 -6.99 19.06
CA ASP B 54 19.91 -5.66 19.61
C ASP B 54 18.71 -5.26 20.46
N ALA B 55 18.17 -6.23 21.21
CA ALA B 55 17.00 -5.99 22.03
C ALA B 55 17.37 -6.12 23.49
N PRO B 56 16.98 -5.18 24.33
CA PRO B 56 17.33 -5.27 25.75
C PRO B 56 16.52 -6.36 26.44
N ILE B 57 17.04 -7.59 26.44
CA ILE B 57 16.33 -8.74 26.99
C ILE B 57 17.10 -9.38 28.15
N GLU B 58 17.94 -8.60 28.84
CA GLU B 58 18.75 -9.18 29.91
C GLU B 58 17.90 -9.61 31.09
N HIS B 59 16.72 -9.02 31.25
CA HIS B 59 15.79 -9.38 32.31
C HIS B 59 14.84 -10.52 31.92
N LEU B 60 14.94 -11.05 30.71
CA LEU B 60 14.10 -12.14 30.24
C LEU B 60 14.91 -13.42 30.14
N THR B 61 14.42 -14.48 30.73
CA THR B 61 15.06 -15.79 30.61
C THR B 61 14.10 -16.81 30.00
N ALA B 62 14.63 -17.62 29.09
CA ALA B 62 13.90 -18.71 28.45
C ALA B 62 14.28 -20.07 29.04
N VAL B 63 14.73 -20.13 30.28
CA VAL B 63 15.23 -21.38 30.88
C VAL B 63 14.41 -21.84 32.10
N GLU B 91 10.98 -42.68 13.07
CA GLU B 91 9.94 -43.34 12.27
C GLU B 91 9.61 -42.46 11.05
N ASN B 92 8.82 -41.42 11.26
CA ASN B 92 8.63 -40.38 10.27
C ASN B 92 9.42 -39.11 10.57
N SER B 93 10.04 -39.02 11.75
CA SER B 93 10.70 -37.81 12.21
C SER B 93 11.74 -38.19 13.24
N PHE B 94 12.63 -37.25 13.55
CA PHE B 94 13.61 -37.46 14.60
C PHE B 94 13.85 -36.14 15.34
N SER B 95 14.45 -36.26 16.53
CA SER B 95 14.65 -35.12 17.40
C SER B 95 15.71 -34.17 16.85
N ILE B 96 15.48 -32.87 17.01
CA ILE B 96 16.43 -31.81 16.71
C ILE B 96 16.73 -31.10 18.03
N SER B 97 17.99 -30.69 18.24
CA SER B 97 18.43 -30.18 19.53
C SER B 97 19.15 -28.85 19.38
N PRO B 98 18.41 -27.74 19.21
CA PRO B 98 19.08 -26.44 19.03
C PRO B 98 19.82 -25.98 20.27
N GLN B 99 19.34 -26.35 21.47
CA GLN B 99 20.03 -26.09 22.73
C GLN B 99 21.45 -26.66 22.74
N LEU B 100 21.69 -27.74 21.99
CA LEU B 100 23.00 -28.36 21.99
C LEU B 100 24.00 -27.65 21.09
N THR B 101 23.59 -26.58 20.45
CA THR B 101 24.42 -25.84 19.51
C THR B 101 24.53 -24.39 19.96
N GLY B 102 25.24 -23.60 19.18
CA GLY B 102 25.25 -22.18 19.45
C GLY B 102 24.12 -21.44 18.77
N LEU B 103 23.14 -22.17 18.26
CA LEU B 103 22.04 -21.55 17.53
C LEU B 103 21.26 -20.62 18.45
N PRO B 104 20.88 -19.44 17.98
CA PRO B 104 19.88 -18.67 18.72
C PRO B 104 18.62 -19.52 18.89
N TRP B 105 18.11 -19.52 20.11
CA TRP B 105 16.96 -20.34 20.47
C TRP B 105 16.08 -19.55 21.42
N PRO B 106 15.42 -18.52 20.91
CA PRO B 106 14.66 -17.61 21.78
C PRO B 106 13.28 -18.16 22.10
N THR B 107 13.26 -19.30 22.78
CA THR B 107 11.99 -19.89 23.21
C THR B 107 12.35 -20.84 24.35
N SER B 108 11.38 -21.08 25.21
CA SER B 108 11.59 -22.06 26.27
C SER B 108 11.09 -23.45 25.87
N PHE B 109 10.64 -23.64 24.64
CA PHE B 109 10.29 -24.98 24.15
C PHE B 109 11.57 -25.78 23.88
N THR B 110 11.56 -27.06 24.24
CA THR B 110 12.74 -27.89 24.01
C THR B 110 12.55 -28.97 22.96
N LYS B 111 11.34 -29.49 22.76
CA LYS B 111 11.13 -30.55 21.79
C LYS B 111 11.00 -29.96 20.38
N VAL B 112 11.92 -30.31 19.50
CA VAL B 112 11.82 -29.93 18.09
C VAL B 112 12.16 -31.17 17.26
N ARG B 113 11.46 -31.36 16.16
CA ARG B 113 11.63 -32.55 15.34
C ARG B 113 11.63 -32.17 13.87
N GLN B 114 12.33 -32.98 13.08
CA GLN B 114 12.47 -32.78 11.64
C GLN B 114 11.84 -33.95 10.91
N ASN B 115 11.15 -33.67 9.81
CA ASN B 115 10.54 -34.74 9.03
C ASN B 115 11.59 -35.48 8.20
N ARG B 116 11.42 -36.81 8.08
CA ARG B 116 12.38 -37.65 7.36
C ARG B 116 12.23 -37.56 5.85
N HIS B 117 11.04 -37.22 5.36
CA HIS B 117 10.70 -37.35 3.95
C HIS B 117 10.81 -36.02 3.21
N TRP B 118 11.83 -35.21 3.54
CA TRP B 118 11.87 -33.85 3.03
C TRP B 118 12.42 -33.76 1.61
N ARG B 119 13.27 -34.71 1.20
CA ARG B 119 13.67 -34.76 -0.20
C ARG B 119 12.49 -35.04 -1.11
N GLN B 120 11.60 -35.96 -0.69
CA GLN B 120 10.43 -36.26 -1.49
C GLN B 120 9.52 -35.04 -1.60
N SER B 121 9.33 -34.32 -0.49
CA SER B 121 8.44 -33.17 -0.49
C SER B 121 9.05 -31.98 -1.23
N LEU B 122 10.38 -31.85 -1.19
CA LEU B 122 11.02 -30.82 -1.99
C LEU B 122 10.90 -31.10 -3.48
N ARG B 123 10.71 -32.38 -3.86
CA ARG B 123 10.60 -32.73 -5.27
C ARG B 123 9.18 -32.55 -5.78
N ILE B 124 8.17 -32.94 -4.98
CA ILE B 124 6.79 -32.74 -5.41
C ILE B 124 6.47 -31.25 -5.47
N SER B 125 7.15 -30.43 -4.67
CA SER B 125 6.88 -29.00 -4.66
C SER B 125 7.65 -28.29 -5.75
N THR B 126 8.90 -28.72 -6.01
CA THR B 126 9.62 -28.25 -7.18
C THR B 126 8.86 -28.58 -8.46
N GLN B 127 8.25 -29.77 -8.51
CA GLN B 127 7.53 -30.20 -9.70
C GLN B 127 6.27 -29.35 -9.92
N LEU B 128 5.52 -29.08 -8.85
CA LEU B 128 4.33 -28.25 -8.98
C LEU B 128 4.68 -26.81 -9.30
N LEU B 129 5.79 -26.31 -8.75
CA LEU B 129 6.25 -24.95 -9.05
C LEU B 129 6.60 -24.78 -10.51
N GLU B 130 6.94 -25.87 -11.21
CA GLU B 130 7.31 -25.77 -12.61
C GLU B 130 6.12 -25.88 -13.53
N LEU B 131 5.09 -26.62 -13.14
CA LEU B 131 3.83 -26.57 -13.91
C LEU B 131 3.26 -25.16 -13.89
N PHE B 132 3.36 -24.47 -12.75
CA PHE B 132 2.81 -23.12 -12.65
C PHE B 132 3.61 -22.14 -13.51
N ALA B 133 4.94 -22.22 -13.47
CA ALA B 133 5.77 -21.32 -14.25
C ALA B 133 5.50 -21.45 -15.74
N ALA B 134 5.27 -22.67 -16.23
CA ALA B 134 5.10 -22.91 -17.65
C ALA B 134 3.66 -22.76 -18.13
N ASP B 135 2.67 -22.88 -17.24
CA ASP B 135 1.27 -22.83 -17.64
C ASP B 135 0.94 -21.51 -18.35
N ASP B 136 0.06 -21.58 -19.35
CA ASP B 136 -0.25 -20.40 -20.16
C ASP B 136 -1.17 -19.44 -19.41
N THR B 137 -2.28 -19.95 -18.88
CA THR B 137 -3.17 -19.10 -18.08
C THR B 137 -2.47 -18.54 -16.84
N SER B 138 -1.43 -19.23 -16.35
CA SER B 138 -0.67 -18.73 -15.21
C SER B 138 0.13 -17.49 -15.55
N ALA B 139 0.52 -17.33 -16.81
CA ALA B 139 1.22 -16.10 -17.19
C ALA B 139 0.25 -14.92 -17.31
N GLN B 140 -1.05 -15.18 -17.55
CA GLN B 140 -2.05 -14.13 -17.62
C GLN B 140 -2.63 -13.78 -16.27
N ALA B 141 -2.70 -14.72 -15.34
CA ALA B 141 -3.21 -14.46 -14.00
C ALA B 141 -2.24 -13.53 -13.28
N VAL B 142 -2.62 -12.27 -13.09
CA VAL B 142 -1.77 -11.31 -12.41
C VAL B 142 -2.52 -10.75 -11.20
N ARG B 143 -1.73 -10.30 -10.22
CA ARG B 143 -2.27 -9.74 -8.99
C ARG B 143 -2.55 -8.25 -9.19
N ARG B 144 -2.80 -7.54 -8.08
CA ARG B 144 -3.02 -6.10 -8.18
C ARG B 144 -1.81 -5.41 -8.79
N ASN B 145 -0.60 -5.74 -8.30
CA ASN B 145 0.67 -5.22 -8.83
C ASN B 145 1.05 -5.78 -10.22
N GLY B 146 0.21 -6.57 -10.90
CA GLY B 146 0.53 -7.07 -12.22
C GLY B 146 1.62 -8.12 -12.29
N VAL B 147 2.09 -8.65 -11.18
CA VAL B 147 2.97 -9.81 -11.19
C VAL B 147 2.12 -11.05 -11.38
N SER B 148 2.62 -12.01 -12.15
CA SER B 148 1.83 -13.17 -12.56
C SER B 148 2.09 -14.37 -11.66
N LEU B 149 1.11 -15.28 -11.64
CA LEU B 149 1.26 -16.58 -10.97
C LEU B 149 2.49 -17.33 -11.48
N ALA B 150 2.71 -17.29 -12.80
CA ALA B 150 3.91 -17.89 -13.36
C ALA B 150 5.18 -17.26 -12.81
N ARG B 151 5.22 -15.92 -12.72
CA ARG B 151 6.41 -15.25 -12.22
C ARG B 151 6.65 -15.57 -10.75
N ILE B 152 5.58 -15.61 -9.95
CA ILE B 152 5.71 -16.00 -8.55
C ILE B 152 6.37 -17.37 -8.45
N ALA B 153 5.95 -18.30 -9.32
CA ALA B 153 6.53 -19.64 -9.36
C ALA B 153 7.99 -19.62 -9.79
N SER B 154 8.35 -18.79 -10.77
CA SER B 154 9.74 -18.74 -11.22
C SER B 154 10.64 -18.02 -10.23
N HIS B 155 10.12 -17.03 -9.52
CA HIS B 155 10.90 -16.38 -8.48
C HIS B 155 11.20 -17.38 -7.37
N GLU B 156 10.17 -18.13 -6.95
CA GLU B 156 10.38 -19.16 -5.95
C GLU B 156 11.40 -20.19 -6.42
N LEU B 157 11.38 -20.50 -7.73
CA LEU B 157 12.24 -21.55 -8.28
C LEU B 157 13.70 -21.13 -8.35
N GLN B 158 13.99 -19.84 -8.50
CA GLN B 158 15.37 -19.38 -8.48
C GLN B 158 15.86 -19.06 -7.06
N THR B 159 15.12 -19.51 -6.04
CA THR B 159 15.66 -19.69 -4.69
C THR B 159 16.27 -21.08 -4.59
N ASP B 160 17.42 -21.17 -3.92
CA ASP B 160 18.04 -22.46 -3.67
C ASP B 160 17.04 -23.41 -3.02
N GLU B 161 16.99 -24.65 -3.55
CA GLU B 161 16.10 -25.69 -3.05
C GLU B 161 16.01 -25.73 -1.52
N GLU B 162 17.17 -25.64 -0.86
CA GLU B 162 17.28 -25.69 0.59
C GLU B 162 16.64 -24.50 1.29
N ASP B 163 16.14 -23.53 0.51
CA ASP B 163 15.60 -22.29 1.06
C ASP B 163 14.20 -21.95 0.52
N ARG B 164 13.53 -22.89 -0.15
CA ARG B 164 12.16 -22.66 -0.56
C ARG B 164 11.25 -22.48 0.65
N PHE B 165 10.13 -21.78 0.43
CA PHE B 165 9.17 -21.64 1.52
C PHE B 165 8.57 -22.99 1.90
N THR B 166 8.47 -23.95 0.97
CA THR B 166 7.91 -25.26 1.29
C THR B 166 8.72 -26.00 2.36
N LYS B 167 9.91 -25.51 2.71
CA LYS B 167 10.73 -26.12 3.74
C LYS B 167 10.17 -25.96 5.16
N PHE B 168 9.20 -25.04 5.35
CA PHE B 168 8.46 -24.96 6.61
C PHE B 168 7.94 -26.34 7.04
N ALA B 169 7.40 -27.10 6.09
CA ALA B 169 6.72 -28.34 6.43
C ALA B 169 7.67 -29.33 7.09
N THR B 170 8.95 -29.24 6.77
CA THR B 170 9.91 -30.18 7.35
C THR B 170 9.97 -30.05 8.87
N TYR B 171 9.66 -28.86 9.42
CA TYR B 171 9.75 -28.68 10.86
C TYR B 171 8.41 -28.50 11.56
N ILE B 172 7.36 -28.06 10.87
CA ILE B 172 6.11 -27.77 11.57
C ILE B 172 5.07 -28.88 11.40
N PHE B 173 5.23 -29.75 10.40
CA PHE B 173 4.43 -30.97 10.27
C PHE B 173 5.34 -32.19 10.34
N PRO B 174 6.19 -32.33 11.36
CA PRO B 174 7.20 -33.40 11.29
C PRO B 174 6.63 -34.81 11.40
N GLU B 175 5.41 -35.02 11.88
CA GLU B 175 4.91 -36.37 12.08
C GLU B 175 4.36 -37.03 10.81
N ALA B 176 4.30 -36.29 9.71
CA ALA B 176 3.66 -36.78 8.49
C ALA B 176 4.45 -37.95 7.89
N ASN B 177 3.75 -39.02 7.50
CA ASN B 177 4.41 -40.05 6.70
C ASN B 177 4.65 -39.53 5.29
N GLU B 178 5.40 -40.29 4.50
CA GLU B 178 5.92 -39.80 3.21
C GLU B 178 4.80 -39.34 2.27
N GLU B 179 3.72 -40.10 2.18
CA GLU B 179 2.67 -39.74 1.23
C GLU B 179 1.91 -38.51 1.70
N ARG B 180 1.73 -38.37 3.01
CA ARG B 180 1.02 -37.20 3.52
C ARG B 180 1.91 -35.95 3.46
N MET B 181 3.21 -36.09 3.72
CA MET B 181 4.11 -34.94 3.58
C MET B 181 4.14 -34.43 2.14
N LYS B 182 4.23 -35.34 1.16
CA LYS B 182 4.16 -34.95 -0.25
C LYS B 182 2.90 -34.15 -0.54
N LEU B 183 1.77 -34.55 0.06
CA LEU B 183 0.54 -33.81 -0.19
C LEU B 183 0.54 -32.47 0.54
N LEU B 184 1.09 -32.40 1.75
CA LEU B 184 1.13 -31.13 2.47
C LEU B 184 2.02 -30.14 1.74
N ALA B 185 3.18 -30.60 1.27
CA ALA B 185 4.08 -29.73 0.53
C ALA B 185 3.40 -29.14 -0.70
N ALA B 186 2.49 -29.88 -1.33
CA ALA B 186 1.77 -29.32 -2.46
C ALA B 186 0.90 -28.15 -2.02
N THR B 187 0.17 -28.31 -0.91
CA THR B 187 -0.71 -27.25 -0.46
C THR B 187 0.03 -26.00 -0.01
N ILE B 188 1.28 -26.15 0.43
CA ILE B 188 2.07 -24.97 0.77
C ILE B 188 2.40 -24.18 -0.48
N VAL B 189 2.65 -24.88 -1.59
CA VAL B 189 2.76 -24.18 -2.87
C VAL B 189 1.45 -23.49 -3.21
N TYR B 190 0.30 -24.10 -2.91
CA TYR B 190 -0.97 -23.46 -3.21
C TYR B 190 -1.13 -22.18 -2.39
N ILE B 191 -0.68 -22.20 -1.13
CA ILE B 191 -0.68 -20.99 -0.31
C ILE B 191 0.18 -19.91 -0.97
N ILE B 192 1.44 -20.22 -1.26
CA ILE B 192 2.32 -19.24 -1.90
C ILE B 192 1.66 -18.67 -3.15
N ILE B 193 1.17 -19.54 -4.03
CA ILE B 193 0.71 -19.10 -5.35
C ILE B 193 -0.56 -18.26 -5.23
N PHE B 194 -1.53 -18.72 -4.45
CA PHE B 194 -2.82 -18.07 -4.40
C PHE B 194 -2.92 -17.07 -3.25
N ASP B 195 -1.80 -16.73 -2.63
CA ASP B 195 -1.78 -15.59 -1.73
C ASP B 195 -2.20 -14.33 -2.47
N ASP B 196 -3.05 -13.53 -1.81
CA ASP B 196 -3.58 -12.28 -2.34
C ASP B 196 -4.43 -12.48 -3.59
N SER B 197 -4.85 -13.70 -3.90
CA SER B 197 -5.71 -13.92 -5.04
C SER B 197 -7.11 -13.36 -4.82
N TRP B 198 -7.48 -13.09 -3.57
CA TRP B 198 -8.77 -12.49 -3.27
C TRP B 198 -8.82 -11.01 -3.63
N GLU B 199 -7.66 -10.33 -3.71
CA GLU B 199 -7.62 -8.91 -4.02
C GLU B 199 -8.23 -8.59 -5.38
N MET B 200 -8.21 -9.55 -6.32
CA MET B 200 -8.65 -9.29 -7.68
C MET B 200 -10.15 -9.60 -7.82
N HIS B 201 -10.72 -9.05 -8.89
CA HIS B 201 -12.14 -9.21 -9.17
C HIS B 201 -12.39 -10.58 -9.81
N SER B 202 -13.63 -11.07 -9.65
CA SER B 202 -14.02 -12.38 -10.17
C SER B 202 -13.75 -12.52 -11.66
N GLU B 203 -13.85 -11.42 -12.42
CA GLU B 203 -13.73 -11.46 -13.88
C GLU B 203 -12.31 -11.30 -14.38
N ASP B 204 -11.38 -10.82 -13.55
CA ASP B 204 -9.99 -10.71 -13.96
C ASP B 204 -9.36 -12.09 -14.04
N THR B 205 -8.35 -12.22 -14.90
CA THR B 205 -7.78 -13.54 -15.20
C THR B 205 -7.48 -14.32 -13.93
N LEU B 206 -6.74 -13.70 -13.00
CA LEU B 206 -6.42 -14.36 -11.74
C LEU B 206 -7.68 -14.79 -10.99
N GLY B 207 -8.72 -13.96 -11.00
CA GLY B 207 -9.95 -14.34 -10.33
C GLY B 207 -10.59 -15.60 -10.89
N LEU B 208 -10.45 -15.82 -12.20
CA LEU B 208 -11.02 -17.02 -12.81
C LEU B 208 -10.20 -18.25 -12.45
N VAL B 209 -8.87 -18.16 -12.57
CA VAL B 209 -7.99 -19.25 -12.14
C VAL B 209 -8.23 -19.59 -10.67
N ARG B 210 -8.57 -18.57 -9.87
CA ARG B 210 -8.77 -18.76 -8.44
C ARG B 210 -10.07 -19.52 -8.16
N ASP B 211 -11.18 -19.06 -8.73
CA ASP B 211 -12.45 -19.75 -8.53
C ASP B 211 -12.40 -21.15 -9.12
N ASP B 212 -11.60 -21.35 -10.17
CA ASP B 212 -11.47 -22.66 -10.79
C ASP B 212 -10.71 -23.61 -9.87
N PHE B 213 -9.62 -23.12 -9.28
CA PHE B 213 -8.87 -23.89 -8.27
C PHE B 213 -9.76 -24.22 -7.08
N ILE B 214 -10.57 -23.26 -6.63
CA ILE B 214 -11.49 -23.49 -5.52
C ILE B 214 -12.49 -24.59 -5.87
N ARG B 215 -13.06 -24.52 -7.07
CA ARG B 215 -14.02 -25.55 -7.48
C ARG B 215 -13.37 -26.92 -7.50
N ARG B 216 -12.11 -27.02 -7.95
CA ARG B 216 -11.41 -28.30 -7.93
C ARG B 216 -11.27 -28.83 -6.51
N LEU B 217 -10.85 -27.97 -5.57
CA LEU B 217 -10.77 -28.39 -4.17
C LEU B 217 -12.12 -28.90 -3.66
N ARG B 218 -13.22 -28.34 -4.16
CA ARG B 218 -14.55 -28.71 -3.69
C ARG B 218 -14.96 -30.11 -4.11
N GLY B 219 -14.40 -30.61 -5.21
CA GLY B 219 -14.92 -31.79 -5.88
C GLY B 219 -15.36 -31.46 -7.30
N ASP B 220 -16.38 -30.60 -7.41
CA ASP B 220 -16.94 -30.05 -8.67
C ASP B 220 -16.50 -30.72 -9.97
N GLU B 226 -14.01 -32.78 -19.46
CA GLU B 226 -13.26 -31.92 -20.36
C GLU B 226 -11.81 -32.36 -20.47
N HIS B 227 -10.98 -31.56 -21.16
CA HIS B 227 -9.54 -31.73 -21.15
C HIS B 227 -8.95 -30.84 -20.06
N GLN B 228 -7.89 -31.34 -19.41
CA GLN B 228 -7.23 -30.64 -18.32
C GLN B 228 -5.76 -30.41 -18.69
N THR B 229 -5.26 -29.21 -18.36
CA THR B 229 -3.86 -28.91 -18.65
C THR B 229 -2.96 -29.75 -17.77
N PRO B 230 -1.66 -29.85 -18.12
CA PRO B 230 -0.70 -30.50 -17.21
C PRO B 230 -0.81 -30.01 -15.77
N LEU B 231 -0.94 -28.70 -15.54
CA LEU B 231 -1.10 -28.21 -14.18
C LEU B 231 -2.41 -28.67 -13.55
N GLN B 232 -3.51 -28.61 -14.31
CA GLN B 232 -4.81 -28.98 -13.75
C GLN B 232 -4.89 -30.45 -13.39
N GLN B 233 -4.15 -31.31 -14.10
CA GLN B 233 -4.07 -32.71 -13.73
C GLN B 233 -3.42 -32.86 -12.35
N LEU B 234 -2.32 -32.15 -12.13
CA LEU B 234 -1.59 -32.27 -10.87
C LEU B 234 -2.46 -31.84 -9.69
N ILE B 235 -3.19 -30.74 -9.84
CA ILE B 235 -4.10 -30.29 -8.79
C ILE B 235 -5.17 -31.34 -8.55
N ASN B 236 -5.70 -31.91 -9.63
CA ASN B 236 -6.73 -32.95 -9.51
C ASN B 236 -6.23 -34.12 -8.68
N SER B 237 -5.00 -34.58 -8.96
CA SER B 237 -4.44 -35.72 -8.23
C SER B 237 -4.20 -35.40 -6.76
N THR B 238 -3.76 -34.18 -6.43
CA THR B 238 -3.56 -33.87 -5.01
C THR B 238 -4.89 -33.76 -4.27
N VAL B 239 -5.95 -33.27 -4.92
CA VAL B 239 -7.28 -33.30 -4.31
C VAL B 239 -7.73 -34.74 -4.07
N GLN B 240 -7.52 -35.61 -5.06
CA GLN B 240 -7.91 -37.01 -4.89
C GLN B 240 -6.99 -37.71 -3.90
N GLY B 241 -5.69 -37.35 -3.92
CA GLY B 241 -4.75 -37.89 -2.94
C GLY B 241 -5.19 -37.61 -1.50
N PHE B 242 -5.74 -36.40 -1.25
CA PHE B 242 -6.22 -36.07 0.09
C PHE B 242 -7.44 -36.92 0.44
N LYS B 243 -8.40 -37.00 -0.48
CA LYS B 243 -9.60 -37.82 -0.27
C LYS B 243 -9.24 -39.28 -0.03
N ASP B 244 -8.22 -39.79 -0.73
CA ASP B 244 -7.81 -41.17 -0.59
C ASP B 244 -7.24 -41.45 0.79
N GLN B 245 -6.40 -40.53 1.28
CA GLN B 245 -5.80 -40.70 2.60
C GLN B 245 -6.86 -40.70 3.70
N ASP B 246 -7.99 -40.03 3.47
CA ASP B 246 -9.07 -40.10 4.45
C ASP B 246 -9.69 -41.50 4.49
N LYS B 247 -9.84 -42.14 3.33
CA LYS B 247 -10.36 -43.50 3.28
C LYS B 247 -9.49 -44.46 4.11
N THR B 248 -8.17 -44.40 3.91
CA THR B 248 -7.23 -45.13 4.74
C THR B 248 -7.42 -44.82 6.22
N MET B 249 -7.25 -43.55 6.62
CA MET B 249 -7.29 -43.22 8.03
C MET B 249 -7.52 -41.73 8.27
N GLY B 250 -8.33 -41.43 9.28
CA GLY B 250 -8.57 -40.05 9.67
C GLY B 250 -9.40 -39.32 8.66
N ASN B 251 -9.82 -38.11 9.03
CA ASN B 251 -10.71 -37.32 8.19
C ASN B 251 -10.21 -35.88 8.02
N GLY B 252 -8.93 -35.61 8.28
CA GLY B 252 -8.43 -34.26 8.20
C GLY B 252 -8.15 -33.76 6.79
N GLY B 253 -8.08 -34.66 5.81
CA GLY B 253 -7.68 -34.26 4.47
C GLY B 253 -8.70 -33.38 3.78
N GLN B 254 -9.99 -33.70 3.92
CA GLN B 254 -11.01 -32.81 3.38
C GLN B 254 -10.96 -31.44 4.06
N GLU B 255 -10.67 -31.41 5.37
CA GLU B 255 -10.51 -30.14 6.09
C GLU B 255 -9.36 -29.30 5.53
N VAL B 256 -8.21 -29.91 5.26
CA VAL B 256 -7.11 -29.15 4.65
C VAL B 256 -7.59 -28.47 3.37
N LEU B 257 -8.26 -29.24 2.50
CA LEU B 257 -8.82 -28.68 1.27
C LEU B 257 -9.86 -27.61 1.59
N ASP B 258 -10.70 -27.84 2.60
CA ASP B 258 -11.70 -26.84 2.98
C ASP B 258 -11.03 -25.53 3.40
N ARG B 259 -10.06 -25.60 4.32
CA ARG B 259 -9.42 -24.40 4.82
C ARG B 259 -8.60 -23.72 3.74
N LEU B 260 -8.08 -24.50 2.80
CA LEU B 260 -7.50 -23.91 1.60
C LEU B 260 -8.52 -23.05 0.86
N ILE B 261 -9.76 -23.55 0.74
CA ILE B 261 -10.80 -22.74 0.11
C ILE B 261 -11.08 -21.48 0.93
N ASP B 262 -11.29 -21.64 2.25
CA ASP B 262 -11.50 -20.49 3.11
C ASP B 262 -10.42 -19.44 2.90
N PHE B 263 -9.15 -19.87 2.94
CA PHE B 263 -8.02 -18.99 2.70
C PHE B 263 -8.14 -18.22 1.39
N CYS B 264 -8.64 -18.88 0.35
CA CYS B 264 -8.75 -18.19 -0.93
C CYS B 264 -9.89 -17.17 -0.95
N GLU B 265 -10.89 -17.32 -0.09
CA GLU B 265 -12.02 -16.41 0.06
C GLU B 265 -11.78 -15.61 1.34
N HIS B 266 -10.90 -14.62 1.26
CA HIS B 266 -10.24 -14.10 2.45
C HIS B 266 -11.06 -13.04 3.16
N VAL B 267 -11.10 -13.16 4.48
CA VAL B 267 -11.55 -12.16 5.45
C VAL B 267 -11.08 -10.74 5.07
N PRO B 268 -11.84 -9.71 5.40
CA PRO B 268 -11.38 -8.33 5.14
C PRO B 268 -10.16 -7.97 5.95
N PRO B 269 -9.41 -6.95 5.54
CA PRO B 269 -8.25 -6.50 6.31
C PRO B 269 -8.57 -5.43 7.34
N GLN B 270 -7.89 -5.52 8.49
CA GLN B 270 -7.82 -4.41 9.42
C GLN B 270 -6.41 -3.82 9.40
N THR B 271 -6.32 -2.57 9.85
CA THR B 271 -5.11 -1.98 10.41
C THR B 271 -5.46 -1.25 11.71
N LYS B 272 -6.72 -1.37 12.16
CA LYS B 272 -7.17 -0.80 13.42
C LYS B 272 -6.98 -1.88 14.48
N PHE B 273 -5.92 -1.75 15.28
CA PHE B 273 -5.69 -2.65 16.40
C PHE B 273 -5.58 -1.78 17.63
N ALA B 274 -6.68 -1.67 18.35
CA ALA B 274 -6.68 -0.98 19.62
C ALA B 274 -6.04 -1.81 20.74
N THR B 275 -5.98 -3.13 20.57
CA THR B 275 -5.39 -4.00 21.55
C THR B 275 -4.52 -5.02 20.82
N MET B 276 -3.68 -5.71 21.58
CA MET B 276 -2.97 -6.84 21.00
C MET B 276 -3.94 -8.01 20.72
N GLY B 277 -5.02 -8.11 21.49
CA GLY B 277 -6.02 -9.13 21.24
C GLY B 277 -6.72 -8.95 19.91
N ASP B 278 -7.02 -7.69 19.55
CA ASP B 278 -7.53 -7.43 18.21
C ASP B 278 -6.51 -7.83 17.17
N TYR B 279 -5.23 -7.54 17.43
CA TYR B 279 -4.21 -7.82 16.44
C TYR B 279 -4.04 -9.33 16.26
N LEU B 280 -4.06 -10.08 17.35
CA LEU B 280 -3.80 -11.52 17.28
C LEU B 280 -4.97 -12.27 16.67
N SER B 281 -6.20 -11.80 16.92
CA SER B 281 -7.38 -12.36 16.26
C SER B 281 -7.29 -12.19 14.75
N TYR B 282 -6.91 -10.99 14.30
CA TYR B 282 -6.74 -10.77 12.88
C TYR B 282 -5.62 -11.63 12.34
N ARG B 283 -4.55 -11.77 13.12
CA ARG B 283 -3.35 -12.43 12.67
C ARG B 283 -3.53 -13.94 12.61
N LEU B 284 -4.42 -14.48 13.46
CA LEU B 284 -4.80 -15.88 13.36
C LEU B 284 -5.34 -16.19 11.96
N ILE B 285 -6.21 -15.32 11.43
CA ILE B 285 -6.72 -15.50 10.07
C ILE B 285 -5.63 -15.23 9.05
N ASP B 286 -4.79 -14.23 9.31
CA ASP B 286 -3.81 -13.82 8.31
C ASP B 286 -2.73 -14.87 8.12
N VAL B 287 -2.26 -15.47 9.23
CA VAL B 287 -1.27 -16.56 9.15
C VAL B 287 -1.86 -17.88 8.67
N ALA B 288 -3.19 -17.93 8.41
CA ALA B 288 -3.87 -19.17 8.00
C ALA B 288 -3.79 -20.23 9.08
N PHE B 289 -3.98 -19.82 10.32
CA PHE B 289 -3.93 -20.78 11.41
C PHE B 289 -4.91 -21.93 11.26
N PRO B 290 -6.19 -21.73 10.88
CA PRO B 290 -7.09 -22.90 10.79
C PRO B 290 -6.61 -23.93 9.80
N TYR B 291 -6.03 -23.47 8.68
CA TYR B 291 -5.38 -24.35 7.73
C TYR B 291 -4.22 -25.12 8.37
N LEU B 292 -3.33 -24.43 9.11
CA LEU B 292 -2.23 -25.11 9.79
C LEU B 292 -2.75 -26.17 10.76
N LEU B 293 -3.86 -25.90 11.45
CA LEU B 293 -4.41 -26.91 12.34
C LEU B 293 -4.89 -28.12 11.55
N ALA B 294 -5.50 -27.87 10.39
CA ALA B 294 -5.93 -28.97 9.53
C ALA B 294 -4.73 -29.80 9.06
N CYS B 295 -3.65 -29.12 8.66
CA CYS B 295 -2.47 -29.82 8.18
C CYS B 295 -1.86 -30.69 9.25
N ILE B 296 -1.80 -30.19 10.49
CA ILE B 296 -1.27 -30.99 11.60
C ILE B 296 -2.12 -32.24 11.79
N LYS B 297 -3.43 -32.04 11.96
CA LYS B 297 -4.37 -33.16 12.06
C LYS B 297 -4.13 -34.16 10.92
N PHE B 298 -4.03 -33.65 9.69
CA PHE B 298 -3.75 -34.53 8.56
C PHE B 298 -2.44 -35.28 8.76
N SER B 299 -1.39 -34.56 9.17
CA SER B 299 -0.07 -35.17 9.27
C SER B 299 -0.07 -36.42 10.16
N LEU B 300 -1.03 -36.52 11.06
CA LEU B 300 -1.10 -37.57 12.06
C LEU B 300 -2.10 -38.68 11.71
N GLY B 301 -2.77 -38.60 10.56
CA GLY B 301 -3.92 -39.44 10.28
C GLY B 301 -5.05 -39.28 11.29
N SER B 302 -5.23 -38.08 11.84
CA SER B 302 -6.09 -37.84 12.98
C SER B 302 -7.54 -37.64 12.55
N SER B 303 -8.44 -37.87 13.52
CA SER B 303 -9.87 -37.57 13.42
C SER B 303 -10.30 -36.61 14.52
N VAL B 304 -9.34 -36.08 15.29
CA VAL B 304 -9.64 -35.16 16.38
C VAL B 304 -10.46 -33.99 15.85
N ASN B 305 -11.42 -33.54 16.65
CA ASN B 305 -12.21 -32.37 16.30
C ASN B 305 -11.46 -31.11 16.76
N VAL B 306 -10.81 -30.45 15.81
CA VAL B 306 -10.00 -29.25 16.03
C VAL B 306 -10.78 -28.13 16.71
N GLU B 307 -12.11 -28.13 16.62
CA GLU B 307 -12.91 -27.08 17.23
C GLU B 307 -13.61 -27.51 18.50
N ASP B 308 -13.28 -28.66 19.07
CA ASP B 308 -13.79 -29.00 20.38
C ASP B 308 -13.50 -27.84 21.33
N PRO B 309 -14.52 -27.32 22.04
CA PRO B 309 -14.27 -26.22 22.99
C PRO B 309 -13.24 -26.58 24.05
N LYS B 310 -13.10 -27.87 24.38
CA LYS B 310 -12.13 -28.29 25.39
C LYS B 310 -10.71 -27.90 24.99
N LEU B 311 -10.44 -27.80 23.69
CA LEU B 311 -9.13 -27.46 23.20
C LEU B 311 -9.05 -26.03 22.68
N ALA B 312 -10.11 -25.24 22.79
CA ALA B 312 -10.03 -23.85 22.31
C ALA B 312 -9.01 -22.99 23.06
N PRO B 313 -8.87 -23.04 24.40
CA PRO B 313 -7.84 -22.19 25.05
C PRO B 313 -6.42 -22.44 24.55
N ILE B 314 -5.89 -23.66 24.75
CA ILE B 314 -4.51 -23.96 24.35
C ILE B 314 -4.31 -23.71 22.85
N LEU B 315 -5.33 -23.98 22.04
CA LEU B 315 -5.15 -23.79 20.61
C LEU B 315 -5.04 -22.30 20.27
N ARG B 316 -5.79 -21.45 20.99
CA ARG B 316 -5.65 -20.01 20.78
C ARG B 316 -4.29 -19.52 21.26
N LEU B 317 -3.79 -20.08 22.36
CA LEU B 317 -2.41 -19.78 22.77
C LEU B 317 -1.40 -20.18 21.69
N VAL B 318 -1.54 -21.38 21.13
CA VAL B 318 -0.60 -21.80 20.11
C VAL B 318 -0.61 -20.83 18.93
N SER B 319 -1.80 -20.34 18.55
CA SER B 319 -1.85 -19.35 17.47
C SER B 319 -1.20 -18.03 17.89
N ASP B 320 -1.43 -17.58 19.13
CA ASP B 320 -0.73 -16.41 19.63
C ASP B 320 0.79 -16.59 19.52
N HIS B 321 1.28 -17.76 19.93
CA HIS B 321 2.71 -18.05 19.88
C HIS B 321 3.25 -18.01 18.46
N VAL B 322 2.59 -18.72 17.55
CA VAL B 322 3.00 -18.72 16.15
C VAL B 322 3.01 -17.30 15.58
N SER B 323 2.00 -16.50 15.94
CA SER B 323 1.89 -15.13 15.47
C SER B 323 2.99 -14.24 16.04
N LEU B 324 3.23 -14.32 17.35
CA LEU B 324 4.28 -13.50 17.95
C LEU B 324 5.64 -13.88 17.39
N VAL B 325 5.91 -15.19 17.28
CA VAL B 325 7.21 -15.67 16.79
C VAL B 325 7.43 -15.23 15.35
N ASN B 326 6.43 -15.41 14.50
CA ASN B 326 6.65 -15.06 13.11
C ASN B 326 6.79 -13.55 12.96
N ASP B 327 6.12 -12.75 13.80
CA ASP B 327 6.22 -11.30 13.73
C ASP B 327 7.58 -10.82 14.24
N LEU B 328 8.01 -11.32 15.41
CA LEU B 328 9.36 -11.04 15.89
C LEU B 328 10.39 -11.35 14.82
N ALA B 329 10.25 -12.50 14.14
CA ALA B 329 11.25 -12.93 13.15
C ALA B 329 11.22 -12.05 11.91
N SER B 330 10.06 -11.64 11.48
CA SER B 330 9.96 -10.96 10.21
C SER B 330 9.97 -9.43 10.34
N TYR B 331 10.10 -8.88 11.55
CA TYR B 331 9.92 -7.44 11.72
C TYR B 331 10.94 -6.65 10.89
N ASP B 332 12.22 -7.05 10.95
CA ASP B 332 13.25 -6.28 10.27
C ASP B 332 12.99 -6.21 8.77
N LYS B 333 12.77 -7.37 8.15
CA LYS B 333 12.48 -7.40 6.73
C LYS B 333 11.20 -6.61 6.44
N GLU B 334 10.23 -6.65 7.35
CA GLU B 334 8.98 -5.93 7.14
C GLU B 334 9.16 -4.43 7.34
N LYS B 335 9.89 -4.03 8.38
CA LYS B 335 10.17 -2.61 8.59
C LYS B 335 10.97 -2.01 7.44
N ARG B 336 11.99 -2.74 6.97
CA ARG B 336 12.76 -2.33 5.80
C ARG B 336 11.85 -2.14 4.59
N ALA B 337 10.90 -3.05 4.40
CA ALA B 337 9.97 -2.92 3.28
C ALA B 337 9.05 -1.71 3.45
N TYR B 338 8.65 -1.39 4.68
CA TYR B 338 7.86 -0.20 4.89
C TYR B 338 8.69 1.06 4.62
N ASP B 339 9.91 1.11 5.15
CA ASP B 339 10.78 2.29 5.03
C ASP B 339 11.19 2.56 3.59
N ASN B 340 11.37 1.53 2.77
CA ASN B 340 11.78 1.74 1.40
C ASN B 340 10.59 1.80 0.43
N GLY B 341 9.36 1.77 0.93
CA GLY B 341 8.19 2.00 0.10
C GLY B 341 7.65 0.77 -0.60
N SER B 342 8.41 -0.33 -0.62
CA SER B 342 7.92 -1.59 -1.17
C SER B 342 6.64 -2.10 -0.49
N ALA B 343 6.39 -1.73 0.75
CA ALA B 343 5.22 -2.18 1.49
C ALA B 343 4.42 -0.97 1.92
N CYS B 344 3.10 -1.05 1.72
CA CYS B 344 2.23 0.06 2.08
C CYS B 344 2.11 0.19 3.59
N TYR B 345 1.86 -0.91 4.27
CA TYR B 345 1.62 -0.96 5.70
C TYR B 345 2.75 -1.71 6.41
N LEU B 346 2.88 -1.43 7.71
CA LEU B 346 3.73 -2.22 8.61
C LEU B 346 2.77 -2.86 9.62
N ILE B 347 2.42 -4.12 9.39
CA ILE B 347 1.41 -4.83 10.18
C ILE B 347 2.14 -5.94 10.93
N ASN B 348 2.40 -5.71 12.22
CA ASN B 348 3.34 -6.56 12.94
C ASN B 348 3.22 -6.35 14.45
N ALA B 349 3.19 -7.45 15.20
CA ALA B 349 2.94 -7.39 16.64
C ALA B 349 3.98 -6.51 17.35
N VAL B 350 5.22 -6.54 16.87
CA VAL B 350 6.27 -5.69 17.44
C VAL B 350 5.87 -4.22 17.33
N ASP B 351 5.35 -3.81 16.17
CA ASP B 351 4.93 -2.43 15.95
C ASP B 351 3.68 -2.08 16.75
N VAL B 352 2.70 -2.98 16.81
CA VAL B 352 1.54 -2.74 17.66
C VAL B 352 1.99 -2.54 19.11
N ALA B 353 3.00 -3.29 19.55
CA ALA B 353 3.47 -3.17 20.92
C ALA B 353 4.28 -1.89 21.14
N GLN B 354 5.06 -1.48 20.14
CA GLN B 354 5.70 -0.17 20.23
C GLN B 354 4.67 0.92 20.46
N ARG B 355 3.55 0.87 19.74
CA ARG B 355 2.54 1.93 19.85
C ARG B 355 1.80 1.84 21.17
N LEU B 356 1.26 0.66 21.48
CA LEU B 356 0.37 0.53 22.64
C LEU B 356 1.13 0.73 23.96
N PHE B 357 2.41 0.37 24.00
CA PHE B 357 3.22 0.60 25.19
C PHE B 357 4.08 1.86 25.10
N SER B 358 4.00 2.60 23.99
CA SER B 358 4.71 3.87 23.83
C SER B 358 6.20 3.67 24.11
N LEU B 359 6.77 2.85 23.37
CA LEU B 359 8.16 2.55 23.54
C LEU B 359 9.00 3.35 22.54
N PRO B 360 10.24 3.66 22.87
CA PRO B 360 11.01 4.56 22.00
C PRO B 360 11.44 3.94 20.68
N SER B 361 11.65 2.63 20.63
CA SER B 361 12.20 2.02 19.44
C SER B 361 11.67 0.59 19.29
N ALA B 362 11.96 -0.01 18.13
CA ALA B 362 11.59 -1.38 17.84
C ALA B 362 12.37 -2.36 18.71
N ALA B 363 13.57 -1.97 19.15
CA ALA B 363 14.37 -2.82 20.04
C ALA B 363 13.62 -3.13 21.32
N GLU B 364 13.09 -2.10 21.98
CA GLU B 364 12.32 -2.30 23.21
C GLU B 364 10.98 -2.96 22.92
N ALA B 365 10.38 -2.66 21.77
CA ALA B 365 9.15 -3.33 21.40
C ALA B 365 9.40 -4.82 21.27
N LYS B 366 10.55 -5.19 20.70
CA LYS B 366 10.93 -6.60 20.59
C LYS B 366 11.08 -7.25 21.95
N ALA B 367 11.66 -6.54 22.93
CA ALA B 367 11.81 -7.15 24.25
C ALA B 367 10.45 -7.35 24.90
N LEU B 368 9.58 -6.34 24.82
CA LEU B 368 8.24 -6.53 25.37
C LEU B 368 7.52 -7.67 24.64
N THR B 369 7.58 -7.69 23.31
CA THR B 369 6.91 -8.73 22.54
C THR B 369 7.43 -10.11 22.90
N TYR B 370 8.74 -10.25 23.09
CA TYR B 370 9.33 -11.53 23.45
C TYR B 370 8.92 -11.93 24.86
N SER B 371 8.92 -10.98 25.78
CA SER B 371 8.29 -11.16 27.08
C SER B 371 6.91 -11.81 26.96
N MET B 372 6.05 -11.24 26.10
CA MET B 372 4.72 -11.79 25.90
C MET B 372 4.79 -13.25 25.44
N GLN B 373 5.59 -13.52 24.42
CA GLN B 373 5.78 -14.88 23.92
C GLN B 373 6.19 -15.84 25.04
N LEU B 374 7.10 -15.43 25.91
CA LEU B 374 7.49 -16.32 27.00
C LEU B 374 6.35 -16.54 27.97
N LEU B 375 5.45 -15.57 28.11
CA LEU B 375 4.30 -15.78 28.98
C LEU B 375 3.32 -16.75 28.34
N VAL B 376 3.06 -16.56 27.04
CA VAL B 376 2.23 -17.49 26.27
C VAL B 376 2.78 -18.91 26.39
N GLU B 377 4.10 -19.07 26.33
CA GLU B 377 4.68 -20.40 26.49
C GLU B 377 4.40 -20.96 27.86
N ALA B 378 4.46 -20.13 28.89
CA ALA B 378 4.20 -20.65 30.23
C ALA B 378 2.75 -21.07 30.36
N GLN B 379 1.85 -20.21 29.87
CA GLN B 379 0.42 -20.51 29.89
C GLN B 379 0.10 -21.80 29.14
N ILE B 380 0.78 -22.04 28.00
CA ILE B 380 0.58 -23.27 27.23
C ILE B 380 0.94 -24.50 28.08
N LYS B 381 2.13 -24.49 28.68
CA LYS B 381 2.53 -25.62 29.50
C LYS B 381 1.59 -25.78 30.69
N THR B 382 1.11 -24.67 31.24
CA THR B 382 0.14 -24.76 32.34
C THR B 382 -1.17 -25.39 31.87
N GLU B 383 -1.66 -24.96 30.70
CA GLU B 383 -2.89 -25.50 30.15
C GLU B 383 -2.74 -26.98 29.77
N LEU B 384 -1.61 -27.36 29.18
CA LEU B 384 -1.45 -28.75 28.81
C LEU B 384 -1.35 -29.63 30.05
N ASP B 385 -0.60 -29.18 31.06
CA ASP B 385 -0.54 -29.92 32.31
C ASP B 385 -1.94 -30.05 32.93
N SER B 386 -2.74 -29.00 32.81
CA SER B 386 -4.07 -29.01 33.42
C SER B 386 -4.98 -30.00 32.70
N LEU B 387 -4.92 -30.04 31.37
CA LEU B 387 -5.71 -30.99 30.60
C LEU B 387 -5.29 -32.43 30.87
N VAL B 388 -3.98 -32.69 30.95
CA VAL B 388 -3.51 -34.05 31.28
C VAL B 388 -3.96 -34.45 32.69
N ALA B 389 -3.64 -33.62 33.69
CA ALA B 389 -3.93 -33.96 35.08
C ALA B 389 -5.42 -34.21 35.29
N GLY B 390 -6.26 -33.46 34.58
CA GLY B 390 -7.71 -33.63 34.73
C GLY B 390 -8.27 -34.89 34.10
N GLY B 391 -7.46 -35.65 33.37
CA GLY B 391 -7.91 -36.87 32.73
C GLY B 391 -8.95 -36.69 31.65
N ILE B 392 -8.93 -35.55 30.94
CA ILE B 392 -9.97 -35.24 29.97
C ILE B 392 -9.43 -35.18 28.54
N LEU B 393 -8.29 -35.80 28.27
CA LEU B 393 -7.74 -35.90 26.92
C LEU B 393 -7.61 -37.36 26.54
N SER B 394 -7.96 -37.68 25.29
CA SER B 394 -7.66 -39.01 24.77
C SER B 394 -6.25 -39.08 24.20
N CYS B 395 -5.81 -40.31 23.90
CA CYS B 395 -4.51 -40.47 23.27
C CYS B 395 -4.43 -39.68 21.98
N GLU B 396 -5.49 -39.71 21.18
CA GLU B 396 -5.50 -39.01 19.91
C GLU B 396 -5.47 -37.50 20.12
N GLU B 397 -6.20 -37.00 21.12
CA GLU B 397 -6.16 -35.58 21.40
C GLU B 397 -4.79 -35.15 21.88
N LEU B 398 -4.21 -35.89 22.83
CA LEU B 398 -2.89 -35.56 23.33
C LEU B 398 -1.87 -35.63 22.20
N ARG B 399 -2.02 -36.61 21.30
CA ARG B 399 -1.10 -36.71 20.16
C ARG B 399 -1.18 -35.46 19.29
N PHE B 400 -2.40 -34.95 19.09
CA PHE B 400 -2.61 -33.74 18.31
C PHE B 400 -2.00 -32.52 19.00
N LEU B 401 -2.19 -32.39 20.31
CA LEU B 401 -1.61 -31.25 21.02
C LEU B 401 -0.10 -31.30 21.02
N ASP B 402 0.50 -32.49 21.23
CA ASP B 402 1.95 -32.59 21.12
C ASP B 402 2.42 -32.12 19.75
N ALA B 403 1.65 -32.42 18.71
CA ALA B 403 2.05 -32.06 17.35
C ALA B 403 1.84 -30.57 17.10
N ALA B 404 0.77 -29.99 17.67
CA ALA B 404 0.60 -28.55 17.63
C ALA B 404 1.79 -27.85 18.28
N LEU B 405 2.25 -28.38 19.41
CA LEU B 405 3.44 -27.82 20.06
C LEU B 405 4.68 -28.00 19.19
N LEU B 406 4.80 -29.13 18.49
CA LEU B 406 5.92 -29.30 17.57
C LEU B 406 5.87 -28.27 16.43
N MET B 407 4.67 -27.81 16.08
CA MET B 407 4.62 -26.71 15.14
C MET B 407 5.16 -25.42 15.76
N ALA B 408 4.77 -25.14 17.01
CA ALA B 408 5.24 -23.92 17.66
C ALA B 408 6.77 -23.88 17.72
N SER B 409 7.38 -24.94 18.26
CA SER B 409 8.83 -24.98 18.33
C SER B 409 9.46 -25.10 16.94
N GLY B 410 8.83 -25.87 16.04
CA GLY B 410 9.34 -25.95 14.69
C GLY B 410 9.24 -24.66 13.93
N ASN B 411 8.28 -23.81 14.30
CA ASN B 411 8.23 -22.49 13.70
C ASN B 411 9.39 -21.60 14.16
N VAL B 412 9.76 -21.69 15.44
CA VAL B 412 10.95 -20.96 15.89
C VAL B 412 12.16 -21.43 15.10
N PHE B 413 12.34 -22.75 15.02
CA PHE B 413 13.55 -23.31 14.44
C PHE B 413 13.70 -22.90 12.97
N TYR B 414 12.63 -23.08 12.17
CA TYR B 414 12.72 -22.66 10.79
C TYR B 414 13.03 -21.18 10.67
N SER B 415 12.42 -20.35 11.52
CA SER B 415 12.67 -18.93 11.41
C SER B 415 14.11 -18.58 11.72
N VAL B 416 14.78 -19.37 12.57
CA VAL B 416 16.15 -19.11 12.96
C VAL B 416 17.14 -19.51 11.86
N VAL B 417 16.85 -20.62 11.14
CA VAL B 417 17.84 -21.21 10.24
C VAL B 417 17.51 -21.01 8.78
N SER B 418 16.33 -20.50 8.45
CA SER B 418 16.00 -20.24 7.06
C SER B 418 16.77 -19.02 6.56
N SER B 419 16.72 -18.79 5.25
CA SER B 419 17.27 -17.57 4.69
C SER B 419 16.29 -16.42 4.80
N ARG B 420 15.02 -16.73 4.99
CA ARG B 420 13.93 -15.84 4.63
C ARG B 420 13.88 -14.58 5.50
N TYR B 421 14.39 -14.63 6.73
CA TYR B 421 14.20 -13.52 7.68
C TYR B 421 15.46 -12.78 8.05
N GLY B 422 16.59 -13.48 8.19
CA GLY B 422 17.83 -12.83 8.56
C GLY B 422 18.72 -12.44 7.40
N GLY B 423 18.37 -12.84 6.18
CA GLY B 423 19.15 -12.62 4.97
C GLY B 423 20.54 -13.24 4.97
N LYS B 424 21.31 -12.82 3.95
CA LYS B 424 22.69 -13.28 3.80
C LYS B 424 23.54 -12.95 5.01
N ALA B 425 23.20 -11.88 5.73
CA ALA B 425 23.94 -11.49 6.94
C ALA B 425 23.94 -12.58 8.01
N ALA B 426 23.03 -13.56 7.93
CA ALA B 426 22.89 -14.59 8.96
C ALA B 426 23.50 -15.93 8.56
N LYS B 427 24.15 -16.02 7.40
CA LYS B 427 24.68 -17.29 6.92
C LYS B 427 25.79 -17.82 7.82
N LEU B 428 25.70 -19.09 8.22
CA LEU B 428 26.81 -19.72 8.90
C LEU B 428 27.97 -19.94 7.93
N GLU B 429 29.19 -19.95 8.47
CA GLU B 429 30.37 -20.05 7.62
C GLU B 429 31.18 -21.32 7.88
#